data_1Q7B
#
_entry.id   1Q7B
#
_cell.length_a   72.748
_cell.length_b   76.182
_cell.length_c   99.733
_cell.angle_alpha   90.00
_cell.angle_beta   109.47
_cell.angle_gamma   90.00
#
_symmetry.space_group_name_H-M   'P 1 21 1'
#
loop_
_entity.id
_entity.type
_entity.pdbx_description
1 polymer '3-oxoacyl-[acyl-carrier protein] reductase'
2 non-polymer 'CALCIUM ION'
3 non-polymer 'NADP NICOTINAMIDE-ADENINE-DINUCLEOTIDE PHOSPHATE'
4 water water
#
_entity_poly.entity_id   1
_entity_poly.type   'polypeptide(L)'
_entity_poly.pdbx_seq_one_letter_code
;MNFEGKIALVTGASRGIGRAIAETLAARGAKVIGTATSENGAQAISDYLGANGKGLMLNVTDPASIESVLEKIRAEFGEV
DILVNNAGITRDNLLMRMKDEEWNDIIETNLSSVFRLSKAVMRAMMKKRHGRIITIGSVVGTMGNGGQANYAAAKAGLIG
FSKSLAREVASRGITVNVVAPGFIETDMTRALSDDQRAGILAQVPAGRLGGAQEIANAVAFLASDEAAYITGETLHVNGG
MYMV
;
_entity_poly.pdbx_strand_id   A,B,C,D
#
# COMPACT_ATOMS: atom_id res chain seq x y z
N ASN A 2 -6.77 -1.74 30.42
CA ASN A 2 -5.97 -1.83 31.69
C ASN A 2 -5.04 -3.03 31.58
N PHE A 3 -3.77 -2.81 31.88
CA PHE A 3 -2.77 -3.86 31.77
C PHE A 3 -2.36 -4.54 33.08
N GLU A 4 -3.15 -4.37 34.13
CA GLU A 4 -2.82 -5.01 35.39
C GLU A 4 -2.69 -6.51 35.16
N GLY A 5 -1.60 -7.09 35.64
CA GLY A 5 -1.37 -8.52 35.46
C GLY A 5 -0.51 -8.82 34.26
N LYS A 6 -0.15 -7.77 33.52
CA LYS A 6 0.69 -7.94 32.33
C LYS A 6 2.10 -7.44 32.57
N ILE A 7 3.06 -8.09 31.92
CA ILE A 7 4.46 -7.72 32.02
C ILE A 7 4.88 -7.21 30.63
N ALA A 8 5.38 -5.98 30.58
CA ALA A 8 5.80 -5.38 29.32
C ALA A 8 7.28 -5.04 29.28
N LEU A 9 7.90 -5.33 28.14
CA LEU A 9 9.31 -5.04 27.92
C LEU A 9 9.39 -3.97 26.82
N VAL A 10 9.96 -2.82 27.16
CA VAL A 10 10.09 -1.73 26.21
C VAL A 10 11.57 -1.42 26.03
N THR A 11 12.10 -1.70 24.85
CA THR A 11 13.50 -1.45 24.57
C THR A 11 13.74 0.02 24.20
N GLY A 12 14.85 0.58 24.69
CA GLY A 12 15.17 1.96 24.42
C GLY A 12 14.16 2.91 25.05
N ALA A 13 13.93 2.75 26.35
CA ALA A 13 12.95 3.57 27.06
C ALA A 13 13.53 4.74 27.85
N SER A 14 14.74 5.17 27.50
CA SER A 14 15.39 6.28 28.18
C SER A 14 14.63 7.59 28.07
N ARG A 15 14.03 7.85 26.91
CA ARG A 15 13.32 9.09 26.71
C ARG A 15 12.37 9.08 25.51
N GLY A 16 11.89 10.26 25.15
CA GLY A 16 10.99 10.41 24.04
C GLY A 16 9.94 9.32 23.96
N ILE A 17 9.75 8.81 22.75
CA ILE A 17 8.77 7.76 22.48
C ILE A 17 8.89 6.57 23.44
N GLY A 18 10.10 6.06 23.58
CA GLY A 18 10.33 4.92 24.46
C GLY A 18 9.88 5.15 25.89
N ARG A 19 10.22 6.29 26.46
CA ARG A 19 9.82 6.60 27.83
C ARG A 19 8.31 6.81 27.93
N ALA A 20 7.74 7.53 26.97
CA ALA A 20 6.30 7.76 26.99
C ALA A 20 5.56 6.43 26.98
N ILE A 21 6.04 5.49 26.18
CA ILE A 21 5.41 4.17 26.10
C ILE A 21 5.51 3.46 27.45
N ALA A 22 6.71 3.44 28.03
CA ALA A 22 6.90 2.78 29.32
C ALA A 22 6.02 3.39 30.42
N GLU A 23 6.00 4.72 30.52
CA GLU A 23 5.19 5.39 31.53
C GLU A 23 3.70 5.16 31.32
N THR A 24 3.27 5.13 30.06
CA THR A 24 1.85 4.93 29.74
C THR A 24 1.39 3.53 30.12
N LEU A 25 2.17 2.51 29.78
CA LEU A 25 1.78 1.14 30.13
C LEU A 25 1.77 0.98 31.65
N ALA A 26 2.75 1.58 32.32
CA ALA A 26 2.82 1.50 33.78
C ALA A 26 1.62 2.19 34.40
N ALA A 27 1.30 3.38 33.91
CA ALA A 27 0.18 4.14 34.44
C ALA A 27 -1.13 3.37 34.29
N ARG A 28 -1.16 2.43 33.35
CA ARG A 28 -2.37 1.66 33.12
C ARG A 28 -2.36 0.27 33.77
N GLY A 29 -1.47 0.07 34.74
CA GLY A 29 -1.42 -1.18 35.45
C GLY A 29 -0.39 -2.25 35.11
N ALA A 30 0.40 -2.03 34.07
CA ALA A 30 1.39 -3.01 33.67
C ALA A 30 2.70 -2.93 34.45
N LYS A 31 3.39 -4.06 34.57
CA LYS A 31 4.69 -4.10 35.23
C LYS A 31 5.64 -3.91 34.06
N VAL A 32 6.32 -2.78 34.05
CA VAL A 32 7.21 -2.43 32.95
C VAL A 32 8.70 -2.51 33.17
N ILE A 33 9.38 -3.12 32.19
CA ILE A 33 10.82 -3.22 32.20
C ILE A 33 11.28 -2.44 30.98
N GLY A 34 11.92 -1.30 31.21
CA GLY A 34 12.41 -0.48 30.12
C GLY A 34 13.90 -0.70 30.02
N THR A 35 14.50 -0.53 28.85
CA THR A 35 15.93 -0.74 28.71
C THR A 35 16.71 0.42 28.10
N ALA A 36 18.00 0.44 28.40
CA ALA A 36 18.93 1.45 27.90
C ALA A 36 20.24 0.71 27.62
N THR A 37 21.17 1.34 26.91
CA THR A 37 22.45 0.72 26.59
C THR A 37 23.51 0.82 27.67
N SER A 38 23.26 1.63 28.69
CA SER A 38 24.21 1.82 29.77
C SER A 38 23.55 1.64 31.13
N GLU A 39 24.37 1.44 32.15
CA GLU A 39 23.84 1.28 33.50
C GLU A 39 23.19 2.58 33.93
N ASN A 40 23.83 3.70 33.59
CA ASN A 40 23.25 4.99 33.96
C ASN A 40 21.89 5.14 33.29
N GLY A 41 21.82 4.85 32.00
CA GLY A 41 20.55 4.96 31.30
C GLY A 41 19.55 4.01 31.94
N ALA A 42 19.99 2.81 32.27
CA ALA A 42 19.12 1.83 32.89
C ALA A 42 18.61 2.36 34.23
N GLN A 43 19.45 3.12 34.93
CA GLN A 43 19.09 3.69 36.23
C GLN A 43 18.03 4.79 36.10
N ALA A 44 18.17 5.65 35.08
CA ALA A 44 17.21 6.72 34.87
C ALA A 44 15.83 6.10 34.67
N ILE A 45 15.81 4.96 33.99
CA ILE A 45 14.55 4.27 33.75
C ILE A 45 14.00 3.73 35.07
N SER A 46 14.85 3.14 35.92
CA SER A 46 14.38 2.63 37.21
C SER A 46 13.87 3.81 38.05
N ASP A 47 14.50 4.97 37.86
CA ASP A 47 14.12 6.15 38.60
C ASP A 47 12.68 6.59 38.35
N TYR A 48 12.27 6.68 37.08
CA TYR A 48 10.92 7.11 36.79
C TYR A 48 9.85 6.01 36.85
N LEU A 49 10.24 4.75 36.77
CA LEU A 49 9.23 3.68 36.83
C LEU A 49 8.85 3.35 38.27
N GLY A 50 9.79 3.54 39.20
CA GLY A 50 9.53 3.26 40.59
C GLY A 50 9.02 1.87 40.88
N ALA A 51 7.93 1.78 41.64
CA ALA A 51 7.35 0.51 42.02
C ALA A 51 6.59 -0.19 40.89
N ASN A 52 6.47 0.47 39.75
CA ASN A 52 5.75 -0.12 38.63
C ASN A 52 6.64 -0.81 37.61
N GLY A 53 7.94 -0.84 37.86
CA GLY A 53 8.83 -1.48 36.92
C GLY A 53 10.29 -1.40 37.28
N LYS A 54 11.14 -1.59 36.27
CA LYS A 54 12.57 -1.57 36.47
C LYS A 54 13.31 -1.27 35.16
N GLY A 55 14.50 -0.70 35.27
CA GLY A 55 15.29 -0.41 34.09
C GLY A 55 16.42 -1.43 34.03
N LEU A 56 16.72 -1.93 32.83
CA LEU A 56 17.80 -2.89 32.67
C LEU A 56 18.66 -2.50 31.49
N MET A 57 19.94 -2.83 31.56
CA MET A 57 20.86 -2.52 30.47
C MET A 57 20.73 -3.61 29.41
N LEU A 58 20.48 -3.21 28.17
CA LEU A 58 20.31 -4.17 27.10
C LEU A 58 20.90 -3.68 25.78
N ASN A 59 21.62 -4.56 25.10
CA ASN A 59 22.20 -4.26 23.80
C ASN A 59 21.53 -5.23 22.82
N VAL A 60 20.56 -4.73 22.06
CA VAL A 60 19.80 -5.55 21.12
C VAL A 60 20.59 -6.26 20.03
N THR A 61 21.86 -5.92 19.90
CA THR A 61 22.70 -6.56 18.89
C THR A 61 23.58 -7.66 19.48
N ASP A 62 23.49 -7.84 20.80
CA ASP A 62 24.29 -8.84 21.48
C ASP A 62 23.43 -9.96 22.06
N PRO A 63 23.52 -11.17 21.49
CA PRO A 63 22.75 -12.32 21.96
C PRO A 63 22.89 -12.54 23.46
N ALA A 64 24.14 -12.45 23.94
CA ALA A 64 24.43 -12.62 25.36
C ALA A 64 23.61 -11.67 26.21
N SER A 65 23.58 -10.40 25.82
CA SER A 65 22.82 -9.39 26.56
C SER A 65 21.33 -9.71 26.56
N ILE A 66 20.81 -10.11 25.41
CA ILE A 66 19.39 -10.42 25.30
C ILE A 66 19.02 -11.56 26.25
N GLU A 67 19.80 -12.63 26.24
CA GLU A 67 19.54 -13.77 27.12
C GLU A 67 19.61 -13.34 28.58
N SER A 68 20.67 -12.60 28.92
CA SER A 68 20.86 -12.11 30.28
C SER A 68 19.66 -11.31 30.76
N VAL A 69 19.22 -10.35 29.94
CA VAL A 69 18.08 -9.50 30.28
C VAL A 69 16.78 -10.29 30.49
N LEU A 70 16.46 -11.18 29.55
CA LEU A 70 15.24 -11.97 29.66
C LEU A 70 15.29 -12.84 30.91
N GLU A 71 16.47 -13.38 31.20
CA GLU A 71 16.65 -14.21 32.38
C GLU A 71 16.32 -13.39 33.64
N LYS A 72 16.77 -12.13 33.67
CA LYS A 72 16.50 -11.27 34.82
C LYS A 72 15.02 -10.93 34.98
N ILE A 73 14.33 -10.68 33.88
CA ILE A 73 12.91 -10.36 33.95
C ILE A 73 12.13 -11.56 34.46
N ARG A 74 12.48 -12.74 33.97
CA ARG A 74 11.82 -13.97 34.39
C ARG A 74 12.03 -14.20 35.88
N ALA A 75 13.24 -13.96 36.35
CA ALA A 75 13.57 -14.14 37.76
C ALA A 75 12.79 -13.22 38.68
N GLU A 76 12.76 -11.93 38.36
CA GLU A 76 12.06 -10.96 39.20
C GLU A 76 10.59 -10.71 38.88
N PHE A 77 10.21 -10.76 37.61
CA PHE A 77 8.81 -10.49 37.25
C PHE A 77 8.04 -11.65 36.64
N GLY A 78 8.61 -12.27 35.62
CA GLY A 78 7.94 -13.38 34.97
C GLY A 78 8.13 -13.32 33.47
N GLU A 79 7.22 -13.95 32.73
CA GLU A 79 7.29 -13.97 31.27
C GLU A 79 6.72 -12.69 30.66
N VAL A 80 7.34 -12.23 29.58
CA VAL A 80 6.90 -11.01 28.91
C VAL A 80 5.61 -11.24 28.12
N ASP A 81 4.60 -10.41 28.38
CA ASP A 81 3.31 -10.50 27.69
C ASP A 81 3.26 -9.49 26.55
N ILE A 82 3.92 -8.36 26.74
CA ILE A 82 3.93 -7.29 25.76
C ILE A 82 5.35 -6.86 25.43
N LEU A 83 5.73 -7.00 24.17
CA LEU A 83 7.07 -6.60 23.73
C LEU A 83 6.96 -5.39 22.81
N VAL A 84 7.63 -4.30 23.17
CA VAL A 84 7.63 -3.11 22.34
C VAL A 84 9.05 -2.87 21.87
N ASN A 85 9.29 -3.11 20.58
CA ASN A 85 10.61 -2.91 20.00
C ASN A 85 10.78 -1.45 19.59
N ASN A 86 11.35 -0.65 20.48
CA ASN A 86 11.54 0.77 20.21
C ASN A 86 13.01 1.14 19.98
N ALA A 87 13.93 0.32 20.46
CA ALA A 87 15.35 0.59 20.27
C ALA A 87 15.64 0.81 18.79
N GLY A 88 16.52 1.77 18.51
CA GLY A 88 16.87 2.08 17.13
C GLY A 88 17.80 3.26 17.05
N ILE A 89 18.44 3.43 15.90
CA ILE A 89 19.36 4.53 15.69
C ILE A 89 19.31 4.95 14.23
N THR A 90 20.01 6.02 13.90
CA THR A 90 20.09 6.49 12.53
C THR A 90 21.56 6.75 12.22
N ARG A 91 21.92 6.55 10.96
CA ARG A 91 23.28 6.77 10.49
C ARG A 91 23.12 7.31 9.09
N ASP A 92 22.49 8.48 9.02
CA ASP A 92 22.21 9.12 7.74
C ASP A 92 23.42 9.45 6.88
N ASN A 93 23.18 9.43 5.58
CA ASN A 93 24.18 9.71 4.56
C ASN A 93 23.65 9.32 3.19
N LEU A 94 24.03 10.07 2.17
CA LEU A 94 23.62 9.74 0.81
C LEU A 94 24.38 8.45 0.53
N LEU A 95 23.82 7.58 -0.30
CA LEU A 95 24.44 6.29 -0.57
C LEU A 95 25.95 6.29 -0.80
N MET A 96 26.44 7.15 -1.69
CA MET A 96 27.87 7.19 -1.98
C MET A 96 28.74 7.56 -0.79
N ARG A 97 28.14 8.09 0.28
CA ARG A 97 28.91 8.46 1.46
C ARG A 97 28.65 7.53 2.63
N MET A 98 27.72 6.59 2.46
CA MET A 98 27.40 5.67 3.53
C MET A 98 28.41 4.55 3.71
N LYS A 99 29.05 4.51 4.87
CA LYS A 99 30.05 3.48 5.15
C LYS A 99 29.37 2.14 5.43
N ASP A 100 30.06 1.06 5.09
CA ASP A 100 29.54 -0.28 5.32
C ASP A 100 29.00 -0.41 6.74
N GLU A 101 29.78 0.07 7.71
CA GLU A 101 29.37 -0.01 9.10
C GLU A 101 28.14 0.81 9.42
N GLU A 102 27.90 1.88 8.67
CA GLU A 102 26.72 2.69 8.91
C GLU A 102 25.50 1.88 8.43
N TRP A 103 25.70 1.09 7.38
CA TRP A 103 24.63 0.24 6.87
C TRP A 103 24.45 -0.93 7.84
N ASN A 104 25.55 -1.63 8.11
CA ASN A 104 25.51 -2.80 8.99
C ASN A 104 24.93 -2.52 10.37
N ASP A 105 25.34 -1.40 10.97
CA ASP A 105 24.84 -1.06 12.30
C ASP A 105 23.33 -0.79 12.32
N ILE A 106 22.84 -0.07 11.32
CA ILE A 106 21.41 0.23 11.25
C ILE A 106 20.62 -1.06 11.07
N ILE A 107 21.10 -1.93 10.17
CA ILE A 107 20.40 -3.18 9.92
C ILE A 107 20.39 -4.07 11.16
N GLU A 108 21.52 -4.15 11.85
CA GLU A 108 21.58 -4.98 13.05
C GLU A 108 20.78 -4.38 14.20
N THR A 109 20.83 -3.07 14.36
CA THR A 109 20.12 -2.40 15.45
C THR A 109 18.64 -2.17 15.22
N ASN A 110 18.26 -1.83 13.99
CA ASN A 110 16.87 -1.53 13.67
C ASN A 110 16.03 -2.66 13.07
N LEU A 111 16.68 -3.68 12.52
CA LEU A 111 15.95 -4.80 11.93
C LEU A 111 16.21 -6.15 12.61
N SER A 112 17.46 -6.60 12.60
CA SER A 112 17.79 -7.88 13.20
C SER A 112 17.39 -7.94 14.68
N SER A 113 17.36 -6.78 15.33
CA SER A 113 16.97 -6.71 16.73
C SER A 113 15.53 -7.15 16.91
N VAL A 114 14.67 -6.80 15.96
CA VAL A 114 13.25 -7.18 16.02
C VAL A 114 13.14 -8.70 15.97
N PHE A 115 13.95 -9.32 15.12
CA PHE A 115 13.96 -10.78 14.98
C PHE A 115 14.39 -11.43 16.30
N ARG A 116 15.53 -10.98 16.81
CA ARG A 116 16.09 -11.52 18.05
C ARG A 116 15.18 -11.40 19.27
N LEU A 117 14.63 -10.22 19.50
CA LEU A 117 13.75 -10.03 20.66
C LEU A 117 12.44 -10.81 20.53
N SER A 118 11.84 -10.77 19.34
CA SER A 118 10.59 -11.47 19.11
C SER A 118 10.74 -12.97 19.41
N LYS A 119 11.77 -13.56 18.83
CA LYS A 119 12.05 -14.98 19.01
C LYS A 119 12.28 -15.34 20.49
N ALA A 120 12.83 -14.40 21.26
CA ALA A 120 13.12 -14.65 22.67
C ALA A 120 11.92 -14.58 23.62
N VAL A 121 10.78 -14.07 23.17
CA VAL A 121 9.61 -13.98 24.03
C VAL A 121 8.46 -14.80 23.46
N MET A 122 8.63 -15.27 22.24
CA MET A 122 7.62 -16.05 21.54
C MET A 122 7.11 -17.32 22.25
N ARG A 123 8.01 -18.24 22.59
CA ARG A 123 7.61 -19.50 23.28
C ARG A 123 6.57 -19.30 24.35
N ALA A 124 6.89 -18.48 25.36
CA ALA A 124 5.98 -18.26 26.47
C ALA A 124 4.65 -17.70 26.01
N MET A 125 4.68 -16.87 24.96
CA MET A 125 3.44 -16.30 24.44
C MET A 125 2.60 -17.39 23.81
N MET A 126 3.23 -18.24 23.01
CA MET A 126 2.53 -19.34 22.35
C MET A 126 1.82 -20.21 23.38
N LYS A 127 2.51 -20.56 24.45
CA LYS A 127 1.92 -21.39 25.50
C LYS A 127 0.73 -20.74 26.20
N LYS A 128 0.89 -19.49 26.62
CA LYS A 128 -0.19 -18.77 27.29
C LYS A 128 -1.33 -18.50 26.32
N ARG A 129 -1.05 -18.69 25.03
CA ARG A 129 -2.04 -18.45 23.99
C ARG A 129 -2.49 -16.99 24.06
N HIS A 130 -1.51 -16.10 24.12
CA HIS A 130 -1.77 -14.67 24.19
C HIS A 130 -0.46 -13.90 24.18
N GLY A 131 -0.49 -12.70 23.62
CA GLY A 131 0.71 -11.89 23.56
C GLY A 131 0.59 -10.70 22.63
N ARG A 132 1.52 -9.77 22.75
CA ARG A 132 1.53 -8.58 21.92
C ARG A 132 2.95 -8.23 21.58
N ILE A 133 3.20 -8.04 20.29
CA ILE A 133 4.52 -7.63 19.83
C ILE A 133 4.23 -6.40 18.99
N ILE A 134 4.81 -5.28 19.38
CA ILE A 134 4.62 -4.02 18.68
C ILE A 134 5.98 -3.41 18.42
N THR A 135 6.24 -3.09 17.16
CA THR A 135 7.51 -2.51 16.79
C THR A 135 7.28 -1.08 16.30
N ILE A 136 8.16 -0.18 16.70
CA ILE A 136 8.04 1.21 16.29
C ILE A 136 8.79 1.35 14.98
N GLY A 137 8.03 1.55 13.90
CA GLY A 137 8.64 1.69 12.60
C GLY A 137 8.87 3.16 12.30
N SER A 138 8.55 3.58 11.09
CA SER A 138 8.72 4.97 10.69
C SER A 138 8.09 5.20 9.33
N VAL A 139 7.59 6.42 9.13
CA VAL A 139 6.97 6.79 7.86
C VAL A 139 8.01 6.56 6.77
N VAL A 140 9.27 6.71 7.16
CA VAL A 140 10.37 6.53 6.22
C VAL A 140 10.42 5.11 5.67
N GLY A 141 9.93 4.15 6.47
CA GLY A 141 9.92 2.77 6.01
C GLY A 141 8.96 2.60 4.85
N THR A 142 7.90 3.40 4.84
CA THR A 142 6.89 3.32 3.79
C THR A 142 7.14 4.27 2.61
N MET A 143 7.58 5.49 2.88
CA MET A 143 7.81 6.43 1.78
C MET A 143 9.26 6.50 1.31
N GLY A 144 10.18 6.01 2.14
CA GLY A 144 11.59 6.08 1.77
C GLY A 144 12.07 7.50 2.01
N ASN A 145 13.37 7.73 2.02
CA ASN A 145 13.87 9.08 2.23
C ASN A 145 15.32 9.22 1.83
N GLY A 146 15.61 10.26 1.05
CA GLY A 146 16.97 10.49 0.63
C GLY A 146 17.85 10.64 1.85
N GLY A 147 19.03 10.02 1.81
CA GLY A 147 19.95 10.10 2.92
C GLY A 147 19.69 9.09 4.02
N GLN A 148 18.62 8.31 3.90
CA GLN A 148 18.31 7.31 4.92
C GLN A 148 17.95 5.95 4.34
N ALA A 149 18.65 5.55 3.27
CA ALA A 149 18.39 4.26 2.64
C ALA A 149 18.54 3.11 3.62
N ASN A 150 19.51 3.23 4.53
CA ASN A 150 19.73 2.18 5.52
C ASN A 150 18.58 2.13 6.52
N TYR A 151 18.22 3.29 7.06
CA TYR A 151 17.12 3.39 8.00
C TYR A 151 15.82 2.91 7.33
N ALA A 152 15.60 3.33 6.09
CA ALA A 152 14.40 2.95 5.35
C ALA A 152 14.32 1.44 5.15
N ALA A 153 15.44 0.84 4.76
CA ALA A 153 15.54 -0.60 4.54
C ALA A 153 15.16 -1.38 5.79
N ALA A 154 15.59 -0.88 6.94
CA ALA A 154 15.29 -1.52 8.21
C ALA A 154 13.83 -1.38 8.62
N LYS A 155 13.30 -0.15 8.56
CA LYS A 155 11.92 0.10 8.94
C LYS A 155 10.90 -0.57 8.01
N ALA A 156 11.27 -0.74 6.75
CA ALA A 156 10.38 -1.42 5.81
C ALA A 156 10.54 -2.92 6.04
N GLY A 157 11.76 -3.36 6.31
CA GLY A 157 12.00 -4.77 6.55
C GLY A 157 11.28 -5.29 7.78
N LEU A 158 11.21 -4.48 8.83
CA LEU A 158 10.54 -4.93 10.06
C LEU A 158 9.03 -5.10 9.84
N ILE A 159 8.51 -4.49 8.78
CA ILE A 159 7.09 -4.66 8.47
C ILE A 159 6.95 -6.04 7.80
N GLY A 160 7.86 -6.34 6.89
CA GLY A 160 7.83 -7.62 6.21
C GLY A 160 7.98 -8.75 7.21
N PHE A 161 8.82 -8.54 8.22
CA PHE A 161 9.04 -9.53 9.28
C PHE A 161 7.77 -9.74 10.08
N SER A 162 7.20 -8.63 10.52
CA SER A 162 5.99 -8.63 11.33
C SER A 162 4.78 -9.27 10.66
N LYS A 163 4.64 -9.06 9.35
CA LYS A 163 3.54 -9.66 8.62
C LYS A 163 3.72 -11.18 8.66
N SER A 164 4.95 -11.61 8.43
CA SER A 164 5.24 -13.03 8.42
C SER A 164 5.06 -13.69 9.79
N LEU A 165 5.51 -13.01 10.84
CA LEU A 165 5.37 -13.54 12.18
C LEU A 165 3.89 -13.56 12.56
N ALA A 166 3.19 -12.50 12.20
CA ALA A 166 1.76 -12.41 12.50
C ALA A 166 1.04 -13.64 11.95
N ARG A 167 1.41 -14.06 10.75
CA ARG A 167 0.79 -15.23 10.14
C ARG A 167 1.08 -16.52 10.92
N GLU A 168 2.27 -16.61 11.49
CA GLU A 168 2.64 -17.80 12.26
C GLU A 168 1.96 -17.92 13.62
N VAL A 169 1.67 -16.79 14.27
CA VAL A 169 1.08 -16.85 15.60
C VAL A 169 -0.33 -16.35 15.79
N ALA A 170 -0.98 -15.94 14.71
CA ALA A 170 -2.35 -15.42 14.80
C ALA A 170 -3.34 -16.38 15.47
N SER A 171 -3.23 -17.66 15.17
CA SER A 171 -4.15 -18.64 15.72
C SER A 171 -3.97 -18.87 17.22
N ARG A 172 -2.91 -18.30 17.79
CA ARG A 172 -2.64 -18.48 19.21
C ARG A 172 -2.89 -17.23 20.07
N GLY A 173 -3.76 -16.34 19.61
CA GLY A 173 -4.07 -15.15 20.38
C GLY A 173 -2.95 -14.11 20.52
N ILE A 174 -1.97 -14.17 19.64
CA ILE A 174 -0.85 -13.23 19.66
C ILE A 174 -0.93 -12.31 18.42
N THR A 175 -0.79 -11.00 18.64
CA THR A 175 -0.81 -10.07 17.51
C THR A 175 0.56 -9.43 17.35
N VAL A 176 0.93 -9.16 16.11
CA VAL A 176 2.22 -8.56 15.77
C VAL A 176 1.93 -7.38 14.86
N ASN A 177 2.18 -6.18 15.37
CA ASN A 177 1.90 -4.96 14.62
C ASN A 177 3.04 -3.94 14.63
N VAL A 178 2.86 -2.89 13.83
CA VAL A 178 3.84 -1.83 13.71
C VAL A 178 3.15 -0.46 13.83
N VAL A 179 3.76 0.44 14.58
CA VAL A 179 3.25 1.81 14.71
C VAL A 179 4.32 2.63 14.02
N ALA A 180 3.95 3.33 12.95
CA ALA A 180 4.91 4.11 12.18
C ALA A 180 4.74 5.61 12.37
N PRO A 181 5.57 6.21 13.24
CA PRO A 181 5.51 7.65 13.51
C PRO A 181 6.02 8.48 12.34
N GLY A 182 5.51 9.70 12.23
CA GLY A 182 5.97 10.63 11.22
C GLY A 182 7.01 11.44 11.97
N PHE A 183 7.02 12.76 11.81
CA PHE A 183 7.98 13.59 12.53
C PHE A 183 7.55 13.78 13.97
N ILE A 184 8.34 13.30 14.91
CA ILE A 184 8.00 13.43 16.33
C ILE A 184 8.93 14.41 17.04
N GLU A 185 8.37 15.24 17.90
CA GLU A 185 9.14 16.24 18.65
C GLU A 185 10.06 15.56 19.64
N THR A 186 11.34 15.91 19.57
CA THR A 186 12.35 15.35 20.47
C THR A 186 13.33 16.49 20.79
N ASP A 187 14.20 16.27 21.77
CA ASP A 187 15.15 17.32 22.12
C ASP A 187 15.83 17.92 20.90
N MET A 188 16.13 17.07 19.91
CA MET A 188 16.78 17.55 18.68
C MET A 188 15.92 18.61 17.99
N THR A 189 14.73 18.21 17.56
CA THR A 189 13.80 19.11 16.88
C THR A 189 13.53 20.38 17.69
N ARG A 190 13.46 20.24 19.02
CA ARG A 190 13.20 21.39 19.89
C ARG A 190 14.30 22.44 19.78
N ALA A 191 15.52 21.97 19.57
CA ALA A 191 16.68 22.85 19.45
C ALA A 191 16.78 23.55 18.10
N LEU A 192 15.93 23.15 17.16
CA LEU A 192 15.96 23.76 15.83
C LEU A 192 15.40 25.17 15.81
N SER A 193 15.97 26.02 14.95
CA SER A 193 15.49 27.39 14.83
C SER A 193 14.13 27.33 14.15
N ASP A 194 13.36 28.41 14.22
CA ASP A 194 12.04 28.44 13.60
C ASP A 194 12.13 28.13 12.11
N ASP A 195 13.19 28.60 11.46
CA ASP A 195 13.39 28.37 10.03
C ASP A 195 13.58 26.88 9.75
N GLN A 196 14.42 26.23 10.56
CA GLN A 196 14.67 24.80 10.40
C GLN A 196 13.41 23.97 10.60
N ARG A 197 12.62 24.35 11.59
CA ARG A 197 11.38 23.63 11.89
C ARG A 197 10.40 23.80 10.73
N ALA A 198 10.42 24.98 10.13
CA ALA A 198 9.54 25.28 9.01
C ALA A 198 9.69 24.29 7.85
N GLY A 199 10.90 23.76 7.67
CA GLY A 199 11.14 22.80 6.61
C GLY A 199 10.41 21.51 6.91
N ILE A 200 10.39 21.16 8.19
CA ILE A 200 9.73 19.96 8.65
C ILE A 200 8.21 20.16 8.65
N LEU A 201 7.76 21.23 9.29
CA LEU A 201 6.33 21.50 9.38
C LEU A 201 5.63 21.58 8.03
N ALA A 202 6.32 22.04 7.00
CA ALA A 202 5.73 22.16 5.68
C ALA A 202 5.37 20.80 5.08
N GLN A 203 6.03 19.74 5.57
CA GLN A 203 5.76 18.40 5.07
C GLN A 203 4.57 17.74 5.80
N VAL A 204 4.06 18.41 6.82
CA VAL A 204 2.97 17.85 7.61
C VAL A 204 1.66 18.63 7.55
N PRO A 205 0.61 18.05 6.94
CA PRO A 205 -0.68 18.73 6.84
C PRO A 205 -1.20 19.21 8.19
N ALA A 206 -0.99 18.41 9.23
CA ALA A 206 -1.44 18.76 10.57
C ALA A 206 -0.79 20.07 11.03
N GLY A 207 0.35 20.42 10.45
CA GLY A 207 1.03 21.65 10.81
C GLY A 207 1.81 21.66 12.11
N ARG A 208 2.13 20.48 12.63
CA ARG A 208 2.88 20.39 13.87
C ARG A 208 3.59 19.05 13.95
N LEU A 209 4.56 18.94 14.85
CA LEU A 209 5.25 17.68 15.01
C LEU A 209 4.36 16.87 15.93
N GLY A 210 4.50 15.56 15.93
CA GLY A 210 3.68 14.74 16.81
C GLY A 210 4.29 14.71 18.19
N GLY A 211 3.51 14.28 19.18
CA GLY A 211 4.03 14.20 20.53
C GLY A 211 4.39 12.76 20.85
N ALA A 212 5.50 12.56 21.55
CA ALA A 212 5.93 11.22 21.90
C ALA A 212 4.77 10.48 22.58
N GLN A 213 3.97 11.20 23.35
CA GLN A 213 2.83 10.61 24.03
C GLN A 213 1.78 10.10 23.04
N GLU A 214 1.72 10.74 21.86
CA GLU A 214 0.74 10.35 20.85
C GLU A 214 1.10 8.97 20.30
N ILE A 215 2.39 8.71 20.16
CA ILE A 215 2.83 7.41 19.67
C ILE A 215 2.55 6.39 20.77
N ALA A 216 2.79 6.79 22.02
CA ALA A 216 2.57 5.91 23.16
C ALA A 216 1.10 5.51 23.26
N ASN A 217 0.20 6.45 22.98
CA ASN A 217 -1.23 6.12 23.05
C ASN A 217 -1.60 5.07 22.02
N ALA A 218 -1.04 5.18 20.82
CA ALA A 218 -1.31 4.21 19.76
C ALA A 218 -0.77 2.83 20.15
N VAL A 219 0.42 2.82 20.74
CA VAL A 219 1.05 1.57 21.16
C VAL A 219 0.20 0.91 22.24
N ALA A 220 -0.25 1.71 23.21
CA ALA A 220 -1.06 1.21 24.30
C ALA A 220 -2.38 0.63 23.79
N PHE A 221 -2.94 1.25 22.77
CA PHE A 221 -4.19 0.75 22.20
C PHE A 221 -3.97 -0.64 21.60
N LEU A 222 -2.96 -0.77 20.75
CA LEU A 222 -2.67 -2.05 20.12
C LEU A 222 -2.26 -3.12 21.13
N ALA A 223 -1.65 -2.71 22.23
CA ALA A 223 -1.22 -3.66 23.26
C ALA A 223 -2.39 -4.15 24.12
N SER A 224 -3.49 -3.40 24.13
CA SER A 224 -4.65 -3.75 24.94
C SER A 224 -5.50 -4.86 24.35
N ASP A 225 -6.48 -5.32 25.13
CA ASP A 225 -7.39 -6.38 24.69
C ASP A 225 -8.39 -5.86 23.67
N GLU A 226 -8.42 -4.55 23.43
CA GLU A 226 -9.38 -4.01 22.46
C GLU A 226 -8.88 -4.08 21.02
N ALA A 227 -7.72 -4.66 20.81
CA ALA A 227 -7.15 -4.76 19.48
C ALA A 227 -6.76 -6.21 19.15
N ALA A 228 -7.50 -7.15 19.74
CA ALA A 228 -7.24 -8.56 19.53
C ALA A 228 -7.41 -9.01 18.06
N TYR A 229 -8.22 -8.30 17.28
CA TYR A 229 -8.44 -8.66 15.88
C TYR A 229 -7.57 -7.85 14.90
N ILE A 230 -6.55 -7.18 15.44
CA ILE A 230 -5.65 -6.40 14.59
C ILE A 230 -4.27 -7.05 14.64
N THR A 231 -3.77 -7.50 13.49
CA THR A 231 -2.44 -8.12 13.44
C THR A 231 -1.86 -8.04 12.02
N GLY A 232 -0.54 -7.92 11.95
CA GLY A 232 0.12 -7.81 10.67
C GLY A 232 -0.19 -6.45 10.07
N GLU A 233 -0.67 -5.55 10.92
CA GLU A 233 -1.05 -4.20 10.49
C GLU A 233 -0.06 -3.11 10.87
N THR A 234 -0.02 -2.06 10.04
CA THR A 234 0.85 -0.91 10.28
C THR A 234 -0.05 0.29 10.53
N LEU A 235 0.04 0.87 11.72
CA LEU A 235 -0.76 2.02 12.07
C LEU A 235 0.08 3.27 11.91
N HIS A 236 -0.21 4.08 10.89
CA HIS A 236 0.53 5.31 10.64
C HIS A 236 0.05 6.47 11.49
N VAL A 237 0.98 7.11 12.18
CA VAL A 237 0.68 8.25 13.05
C VAL A 237 1.64 9.36 12.60
N ASN A 238 1.28 10.03 11.50
CA ASN A 238 2.15 11.05 10.94
C ASN A 238 1.53 12.40 10.58
N GLY A 239 0.35 12.70 11.10
CA GLY A 239 -0.29 13.98 10.81
C GLY A 239 -0.60 14.22 9.34
N GLY A 240 -0.67 13.15 8.56
CA GLY A 240 -0.99 13.29 7.15
C GLY A 240 0.24 13.44 6.28
N MET A 241 1.42 13.36 6.90
CA MET A 241 2.69 13.48 6.17
C MET A 241 2.74 12.50 5.01
N TYR A 242 2.20 11.30 5.22
CA TYR A 242 2.14 10.31 4.15
C TYR A 242 0.82 9.59 4.37
N MET A 243 0.20 9.15 3.27
CA MET A 243 -1.10 8.48 3.35
C MET A 243 -1.16 7.24 2.46
N VAL A 244 -1.42 6.09 3.09
CA VAL A 244 -1.54 4.83 2.37
C VAL A 244 -2.79 4.10 2.84
N ASN B 2 15.31 -1.72 -27.29
CA ASN B 2 16.71 -1.99 -27.75
C ASN B 2 17.72 -1.34 -26.80
N PHE B 3 18.70 -2.14 -26.37
CA PHE B 3 19.71 -1.66 -25.43
C PHE B 3 21.10 -1.53 -26.07
N GLU B 4 21.14 -1.32 -27.38
CA GLU B 4 22.42 -1.20 -28.08
C GLU B 4 23.29 -0.14 -27.41
N GLY B 5 24.47 -0.54 -26.95
CA GLY B 5 25.36 0.41 -26.32
C GLY B 5 25.27 0.42 -24.79
N LYS B 6 24.39 -0.41 -24.24
CA LYS B 6 24.24 -0.47 -22.79
C LYS B 6 24.95 -1.68 -22.21
N ILE B 7 25.47 -1.53 -21.01
CA ILE B 7 26.15 -2.61 -20.30
C ILE B 7 25.28 -3.00 -19.11
N ALA B 8 24.91 -4.27 -19.03
CA ALA B 8 24.07 -4.73 -17.94
C ALA B 8 24.73 -5.80 -17.08
N LEU B 9 24.55 -5.68 -15.77
CA LEU B 9 25.10 -6.64 -14.81
C LEU B 9 23.91 -7.33 -14.15
N VAL B 10 23.84 -8.65 -14.31
CA VAL B 10 22.75 -9.43 -13.74
C VAL B 10 23.35 -10.45 -12.77
N THR B 11 23.10 -10.27 -11.47
CA THR B 11 23.62 -11.18 -10.48
C THR B 11 22.77 -12.44 -10.37
N GLY B 12 23.43 -13.59 -10.19
CA GLY B 12 22.73 -14.85 -10.08
C GLY B 12 22.02 -15.21 -11.37
N ALA B 13 22.76 -15.21 -12.48
CA ALA B 13 22.19 -15.51 -13.78
C ALA B 13 22.39 -16.93 -14.31
N SER B 14 22.59 -17.88 -13.42
CA SER B 14 22.81 -19.27 -13.84
C SER B 14 21.59 -19.93 -14.48
N ARG B 15 20.41 -19.72 -13.89
CA ARG B 15 19.20 -20.34 -14.41
C ARG B 15 17.94 -19.54 -14.08
N GLY B 16 16.78 -20.12 -14.44
CA GLY B 16 15.51 -19.49 -14.16
C GLY B 16 15.42 -18.01 -14.49
N ILE B 17 14.89 -17.24 -13.54
CA ILE B 17 14.71 -15.81 -13.70
C ILE B 17 15.98 -15.08 -14.11
N GLY B 18 17.05 -15.32 -13.36
CA GLY B 18 18.31 -14.68 -13.67
C GLY B 18 18.80 -14.89 -15.09
N ARG B 19 18.75 -16.14 -15.56
CA ARG B 19 19.19 -16.45 -16.92
C ARG B 19 18.26 -15.83 -17.96
N ALA B 20 16.96 -15.91 -17.73
CA ALA B 20 16.00 -15.35 -18.66
C ALA B 20 16.27 -13.85 -18.83
N ILE B 21 16.55 -13.18 -17.71
CA ILE B 21 16.83 -11.75 -17.73
C ILE B 21 18.08 -11.48 -18.56
N ALA B 22 19.16 -12.23 -18.28
CA ALA B 22 20.40 -12.05 -19.02
C ALA B 22 20.23 -12.28 -20.52
N GLU B 23 19.57 -13.38 -20.89
CA GLU B 23 19.35 -13.69 -22.31
C GLU B 23 18.46 -12.64 -22.99
N THR B 24 17.45 -12.16 -22.28
CA THR B 24 16.55 -11.17 -22.83
C THR B 24 17.23 -9.84 -23.12
N LEU B 25 18.03 -9.35 -22.17
CA LEU B 25 18.74 -8.09 -22.38
C LEU B 25 19.74 -8.24 -23.51
N ALA B 26 20.40 -9.39 -23.58
CA ALA B 26 21.39 -9.64 -24.62
C ALA B 26 20.70 -9.69 -25.99
N ALA B 27 19.58 -10.41 -26.05
CA ALA B 27 18.83 -10.53 -27.30
C ALA B 27 18.39 -9.16 -27.80
N ARG B 28 18.28 -8.20 -26.90
CA ARG B 28 17.84 -6.87 -27.28
C ARG B 28 18.98 -5.86 -27.47
N GLY B 29 20.19 -6.36 -27.64
CA GLY B 29 21.33 -5.48 -27.89
C GLY B 29 22.28 -5.09 -26.79
N ALA B 30 22.00 -5.46 -25.55
CA ALA B 30 22.89 -5.09 -24.46
C ALA B 30 24.07 -6.05 -24.32
N LYS B 31 25.15 -5.54 -23.74
CA LYS B 31 26.32 -6.36 -23.48
C LYS B 31 26.02 -6.78 -22.06
N VAL B 32 25.91 -8.09 -21.84
CA VAL B 32 25.56 -8.59 -20.52
C VAL B 32 26.61 -9.36 -19.74
N ILE B 33 26.72 -9.03 -18.45
CA ILE B 33 27.63 -9.74 -17.57
C ILE B 33 26.74 -10.41 -16.52
N GLY B 34 26.66 -11.73 -16.56
CA GLY B 34 25.86 -12.46 -15.60
C GLY B 34 26.80 -13.06 -14.59
N THR B 35 26.34 -13.30 -13.36
CA THR B 35 27.22 -13.86 -12.35
C THR B 35 26.70 -15.12 -11.67
N ALA B 36 27.64 -15.88 -11.11
CA ALA B 36 27.35 -17.11 -10.38
C ALA B 36 28.34 -17.15 -9.21
N THR B 37 28.12 -18.05 -8.25
CA THR B 37 29.00 -18.14 -7.09
C THR B 37 30.25 -18.99 -7.30
N SER B 38 30.32 -19.70 -8.42
CA SER B 38 31.49 -20.55 -8.70
C SER B 38 32.11 -20.23 -10.04
N GLU B 39 33.36 -20.64 -10.23
CA GLU B 39 34.06 -20.41 -11.48
C GLU B 39 33.39 -21.17 -12.62
N ASN B 40 32.93 -22.38 -12.35
CA ASN B 40 32.26 -23.18 -13.38
C ASN B 40 30.89 -22.57 -13.71
N GLY B 41 30.18 -22.15 -12.67
CA GLY B 41 28.87 -21.55 -12.88
C GLY B 41 29.03 -20.29 -13.71
N ALA B 42 30.14 -19.59 -13.50
CA ALA B 42 30.40 -18.36 -14.24
C ALA B 42 30.70 -18.69 -15.69
N GLN B 43 31.54 -19.70 -15.89
CA GLN B 43 31.92 -20.12 -17.22
C GLN B 43 30.71 -20.57 -18.04
N ALA B 44 29.76 -21.23 -17.39
CA ALA B 44 28.56 -21.70 -18.06
C ALA B 44 27.78 -20.49 -18.58
N ILE B 45 27.77 -19.39 -17.81
CA ILE B 45 27.08 -18.17 -18.21
C ILE B 45 27.83 -17.59 -19.41
N SER B 46 29.16 -17.60 -19.34
CA SER B 46 29.97 -17.10 -20.44
C SER B 46 29.64 -17.91 -21.70
N ASP B 47 29.47 -19.22 -21.51
CA ASP B 47 29.14 -20.11 -22.62
C ASP B 47 27.86 -19.74 -23.36
N TYR B 48 26.75 -19.54 -22.62
CA TYR B 48 25.48 -19.23 -23.31
C TYR B 48 25.35 -17.80 -23.82
N LEU B 49 25.97 -16.84 -23.13
CA LEU B 49 25.91 -15.46 -23.56
C LEU B 49 26.74 -15.25 -24.83
N GLY B 50 27.76 -16.09 -25.00
CA GLY B 50 28.60 -16.00 -26.18
C GLY B 50 29.20 -14.62 -26.41
N ALA B 51 29.08 -14.14 -27.64
CA ALA B 51 29.63 -12.84 -28.02
C ALA B 51 28.86 -11.64 -27.46
N ASN B 52 27.74 -11.90 -26.79
CA ASN B 52 26.93 -10.81 -26.23
C ASN B 52 27.20 -10.53 -24.76
N GLY B 53 28.15 -11.25 -24.18
CA GLY B 53 28.44 -11.02 -22.78
C GLY B 53 29.47 -11.94 -22.17
N LYS B 54 29.45 -12.04 -20.84
CA LYS B 54 30.41 -12.87 -20.13
C LYS B 54 29.90 -13.24 -18.75
N GLY B 55 30.36 -14.38 -18.25
CA GLY B 55 29.96 -14.82 -16.93
C GLY B 55 31.12 -14.56 -15.99
N LEU B 56 30.83 -14.10 -14.78
CA LEU B 56 31.87 -13.84 -13.78
C LEU B 56 31.45 -14.39 -12.43
N MET B 57 32.42 -14.82 -11.64
CA MET B 57 32.15 -15.37 -10.32
C MET B 57 32.00 -14.20 -9.37
N LEU B 58 30.89 -14.18 -8.63
CA LEU B 58 30.63 -13.08 -7.70
C LEU B 58 29.90 -13.54 -6.45
N ASN B 59 30.33 -13.02 -5.31
CA ASN B 59 29.70 -13.32 -4.03
C ASN B 59 29.20 -11.95 -3.52
N VAL B 60 27.89 -11.74 -3.60
CA VAL B 60 27.28 -10.47 -3.20
C VAL B 60 27.40 -10.14 -1.71
N THR B 61 27.87 -11.09 -0.92
CA THR B 61 28.04 -10.84 0.52
C THR B 61 29.49 -10.47 0.82
N ASP B 62 30.35 -10.54 -0.18
CA ASP B 62 31.77 -10.24 -0.01
C ASP B 62 32.24 -8.95 -0.71
N PRO B 63 32.54 -7.90 0.08
CA PRO B 63 33.00 -6.61 -0.44
C PRO B 63 34.13 -6.70 -1.48
N ALA B 64 35.12 -7.54 -1.20
CA ALA B 64 36.26 -7.71 -2.12
C ALA B 64 35.82 -8.32 -3.45
N SER B 65 34.88 -9.26 -3.39
CA SER B 65 34.38 -9.91 -4.60
C SER B 65 33.68 -8.90 -5.50
N ILE B 66 32.79 -8.11 -4.91
CA ILE B 66 32.06 -7.09 -5.65
C ILE B 66 33.02 -6.13 -6.35
N GLU B 67 34.02 -5.67 -5.61
CA GLU B 67 35.00 -4.75 -6.17
C GLU B 67 35.81 -5.39 -7.29
N SER B 68 36.14 -6.66 -7.13
CA SER B 68 36.91 -7.37 -8.13
C SER B 68 36.12 -7.52 -9.44
N VAL B 69 34.87 -7.95 -9.33
CA VAL B 69 34.03 -8.13 -10.50
C VAL B 69 33.82 -6.82 -11.26
N LEU B 70 33.58 -5.73 -10.55
CA LEU B 70 33.36 -4.45 -11.21
C LEU B 70 34.58 -3.96 -11.96
N GLU B 71 35.76 -4.18 -11.39
CA GLU B 71 36.97 -3.76 -12.07
C GLU B 71 37.12 -4.56 -13.36
N LYS B 72 36.85 -5.86 -13.28
CA LYS B 72 36.93 -6.70 -14.47
C LYS B 72 35.96 -6.19 -15.53
N ILE B 73 34.74 -5.84 -15.10
CA ILE B 73 33.75 -5.33 -16.04
C ILE B 73 34.20 -4.02 -16.66
N ARG B 74 34.78 -3.15 -15.84
CA ARG B 74 35.25 -1.85 -16.35
C ARG B 74 36.42 -1.99 -17.32
N ALA B 75 37.25 -3.01 -17.12
CA ALA B 75 38.40 -3.23 -17.99
C ALA B 75 38.04 -3.89 -19.30
N GLU B 76 36.99 -4.69 -19.32
CA GLU B 76 36.61 -5.36 -20.56
C GLU B 76 35.42 -4.74 -21.28
N PHE B 77 34.44 -4.24 -20.53
CA PHE B 77 33.26 -3.65 -21.16
C PHE B 77 33.07 -2.16 -20.91
N GLY B 78 33.18 -1.75 -19.65
CA GLY B 78 33.01 -0.35 -19.31
C GLY B 78 32.15 -0.22 -18.05
N GLU B 79 31.51 0.93 -17.87
CA GLU B 79 30.68 1.16 -16.68
C GLU B 79 29.29 0.52 -16.85
N VAL B 80 28.74 0.03 -15.74
CA VAL B 80 27.43 -0.61 -15.76
C VAL B 80 26.30 0.41 -15.88
N ASP B 81 25.43 0.22 -16.87
CA ASP B 81 24.31 1.12 -17.09
C ASP B 81 23.04 0.56 -16.46
N ILE B 82 22.95 -0.77 -16.46
CA ILE B 82 21.80 -1.47 -15.92
C ILE B 82 22.21 -2.51 -14.90
N LEU B 83 21.72 -2.37 -13.67
CA LEU B 83 22.03 -3.33 -12.62
C LEU B 83 20.77 -4.08 -12.23
N VAL B 84 20.81 -5.41 -12.34
CA VAL B 84 19.68 -6.22 -11.94
C VAL B 84 20.09 -7.10 -10.77
N ASN B 85 19.57 -6.79 -9.59
CA ASN B 85 19.89 -7.55 -8.39
C ASN B 85 18.97 -8.76 -8.30
N ASN B 86 19.43 -9.90 -8.81
CA ASN B 86 18.64 -11.12 -8.80
C ASN B 86 19.16 -12.15 -7.81
N ALA B 87 20.44 -12.07 -7.46
CA ALA B 87 21.01 -13.02 -6.50
C ALA B 87 20.13 -13.08 -5.25
N GLY B 88 19.85 -14.30 -4.80
CA GLY B 88 19.00 -14.48 -3.64
C GLY B 88 18.89 -15.92 -3.18
N ILE B 89 18.51 -16.11 -1.92
CA ILE B 89 18.35 -17.46 -1.36
C ILE B 89 17.22 -17.47 -0.34
N THR B 90 16.88 -18.68 0.12
CA THR B 90 15.85 -18.86 1.11
C THR B 90 16.41 -19.77 2.20
N ARG B 91 15.90 -19.61 3.41
CA ARG B 91 16.28 -20.42 4.57
C ARG B 91 15.04 -20.39 5.43
N ASP B 92 14.02 -21.14 5.01
CA ASP B 92 12.74 -21.18 5.72
C ASP B 92 12.76 -21.92 7.05
N ASN B 93 11.88 -21.47 7.94
CA ASN B 93 11.70 -22.03 9.27
C ASN B 93 10.76 -21.14 10.06
N LEU B 94 9.97 -21.75 10.94
CA LEU B 94 9.07 -20.99 11.79
C LEU B 94 10.02 -20.22 12.70
N LEU B 95 9.60 -19.07 13.21
CA LEU B 95 10.52 -18.26 14.03
C LEU B 95 11.31 -19.02 15.08
N MET B 96 10.63 -19.75 15.95
CA MET B 96 11.30 -20.50 17.00
C MET B 96 12.39 -21.45 16.51
N ARG B 97 12.25 -21.94 15.28
CA ARG B 97 13.22 -22.87 14.72
C ARG B 97 14.26 -22.18 13.86
N MET B 98 14.12 -20.87 13.65
CA MET B 98 15.06 -20.16 12.81
C MET B 98 16.38 -19.85 13.50
N LYS B 99 17.46 -20.37 12.92
CA LYS B 99 18.80 -20.16 13.45
C LYS B 99 19.26 -18.74 13.15
N ASP B 100 20.17 -18.24 13.98
CA ASP B 100 20.71 -16.90 13.80
C ASP B 100 21.39 -16.81 12.44
N GLU B 101 21.99 -17.92 12.02
CA GLU B 101 22.67 -17.94 10.73
C GLU B 101 21.67 -17.90 9.58
N GLU B 102 20.52 -18.53 9.76
CA GLU B 102 19.50 -18.55 8.72
C GLU B 102 18.98 -17.13 8.53
N TRP B 103 18.87 -16.39 9.63
CA TRP B 103 18.43 -15.00 9.55
C TRP B 103 19.51 -14.14 8.89
N ASN B 104 20.72 -14.17 9.44
CA ASN B 104 21.82 -13.38 8.92
C ASN B 104 22.17 -13.64 7.46
N ASP B 105 22.21 -14.91 7.06
CA ASP B 105 22.54 -15.26 5.69
C ASP B 105 21.50 -14.68 4.72
N ILE B 106 20.24 -14.66 5.14
CA ILE B 106 19.17 -14.12 4.31
C ILE B 106 19.30 -12.60 4.20
N ILE B 107 19.50 -11.94 5.33
CA ILE B 107 19.65 -10.48 5.34
C ILE B 107 20.84 -10.05 4.48
N GLU B 108 21.99 -10.69 4.70
CA GLU B 108 23.19 -10.36 3.94
C GLU B 108 23.09 -10.64 2.44
N THR B 109 22.56 -11.81 2.11
CA THR B 109 22.45 -12.20 0.71
C THR B 109 21.31 -11.54 -0.06
N ASN B 110 20.16 -11.38 0.60
CA ASN B 110 18.98 -10.81 -0.05
C ASN B 110 18.73 -9.31 0.15
N LEU B 111 19.32 -8.73 1.18
CA LEU B 111 19.11 -7.31 1.44
C LEU B 111 20.38 -6.46 1.36
N SER B 112 21.36 -6.77 2.21
CA SER B 112 22.61 -6.01 2.21
C SER B 112 23.30 -6.03 0.86
N SER B 113 23.05 -7.08 0.09
CA SER B 113 23.66 -7.19 -1.24
C SER B 113 23.15 -6.09 -2.16
N VAL B 114 21.88 -5.74 -2.02
CA VAL B 114 21.28 -4.68 -2.84
C VAL B 114 22.00 -3.36 -2.54
N PHE B 115 22.26 -3.10 -1.26
CA PHE B 115 22.97 -1.90 -0.84
C PHE B 115 24.37 -1.86 -1.45
N ARG B 116 25.11 -2.95 -1.27
CA ARG B 116 26.49 -3.04 -1.76
C ARG B 116 26.64 -2.89 -3.27
N LEU B 117 25.83 -3.63 -4.03
CA LEU B 117 25.92 -3.55 -5.49
C LEU B 117 25.46 -2.19 -6.01
N SER B 118 24.40 -1.64 -5.44
CA SER B 118 23.90 -0.35 -5.88
C SER B 118 24.95 0.75 -5.68
N LYS B 119 25.53 0.81 -4.49
CA LYS B 119 26.55 1.81 -4.19
C LYS B 119 27.74 1.67 -5.14
N ALA B 120 28.08 0.43 -5.47
CA ALA B 120 29.20 0.17 -6.36
C ALA B 120 29.05 0.65 -7.80
N VAL B 121 27.82 0.78 -8.30
CA VAL B 121 27.63 1.24 -9.69
C VAL B 121 27.06 2.66 -9.76
N MET B 122 26.58 3.15 -8.63
CA MET B 122 25.97 4.47 -8.54
C MET B 122 26.77 5.63 -9.16
N ARG B 123 28.02 5.79 -8.73
CA ARG B 123 28.88 6.87 -9.23
C ARG B 123 28.89 7.09 -10.75
N ALA B 124 29.19 6.05 -11.51
CA ALA B 124 29.23 6.18 -12.96
C ALA B 124 27.87 6.57 -13.53
N MET B 125 26.80 6.02 -12.97
CA MET B 125 25.45 6.36 -13.44
C MET B 125 25.16 7.85 -13.20
N MET B 126 25.52 8.33 -12.01
CA MET B 126 25.28 9.73 -11.68
C MET B 126 26.01 10.66 -12.64
N LYS B 127 27.25 10.31 -12.98
CA LYS B 127 28.05 11.11 -13.90
C LYS B 127 27.42 11.09 -15.29
N LYS B 128 27.09 9.90 -15.76
CA LYS B 128 26.48 9.75 -17.09
C LYS B 128 25.06 10.31 -17.13
N ARG B 129 24.51 10.56 -15.94
CA ARG B 129 23.16 11.07 -15.82
C ARG B 129 22.17 10.11 -16.48
N HIS B 130 22.37 8.83 -16.21
CA HIS B 130 21.48 7.80 -16.73
C HIS B 130 21.80 6.47 -16.11
N GLY B 131 20.76 5.72 -15.77
CA GLY B 131 20.98 4.42 -15.18
C GLY B 131 19.71 3.72 -14.79
N ARG B 132 19.84 2.42 -14.55
CA ARG B 132 18.72 1.60 -14.15
C ARG B 132 19.16 0.62 -13.09
N ILE B 133 18.42 0.59 -12.00
CA ILE B 133 18.70 -0.37 -10.95
C ILE B 133 17.36 -1.06 -10.73
N ILE B 134 17.36 -2.37 -10.92
CA ILE B 134 16.15 -3.17 -10.76
C ILE B 134 16.46 -4.35 -9.87
N THR B 135 15.67 -4.51 -8.82
CA THR B 135 15.88 -5.60 -7.89
C THR B 135 14.70 -6.55 -7.95
N ILE B 136 14.99 -7.84 -7.93
CA ILE B 136 13.94 -8.84 -7.97
C ILE B 136 13.49 -9.10 -6.55
N GLY B 137 12.29 -8.65 -6.22
CA GLY B 137 11.78 -8.84 -4.88
C GLY B 137 10.95 -10.11 -4.82
N SER B 138 9.81 -10.04 -4.17
CA SER B 138 8.92 -11.20 -4.08
C SER B 138 7.60 -10.80 -3.47
N VAL B 139 6.54 -11.50 -3.86
CA VAL B 139 5.22 -11.22 -3.33
C VAL B 139 5.29 -11.35 -1.80
N VAL B 140 6.21 -12.19 -1.33
CA VAL B 140 6.38 -12.40 0.10
C VAL B 140 6.77 -11.11 0.82
N GLY B 141 7.49 -10.23 0.13
CA GLY B 141 7.90 -8.98 0.73
C GLY B 141 6.74 -8.07 1.08
N THR B 142 5.62 -8.25 0.37
CA THR B 142 4.44 -7.41 0.58
C THR B 142 3.38 -8.06 1.46
N MET B 143 3.14 -9.36 1.27
CA MET B 143 2.13 -10.04 2.06
C MET B 143 2.73 -10.79 3.24
N GLY B 144 4.03 -11.04 3.17
CA GLY B 144 4.69 -11.79 4.24
C GLY B 144 4.28 -13.25 4.07
N ASN B 145 4.93 -14.16 4.79
CA ASN B 145 4.57 -15.57 4.71
C ASN B 145 5.06 -16.35 5.91
N GLY B 146 4.18 -17.18 6.46
CA GLY B 146 4.53 -17.97 7.62
C GLY B 146 5.74 -18.81 7.28
N GLY B 147 6.71 -18.84 8.18
CA GLY B 147 7.91 -19.63 7.94
C GLY B 147 8.96 -18.95 7.09
N GLN B 148 8.72 -17.71 6.68
CA GLN B 148 9.69 -16.98 5.86
C GLN B 148 9.89 -15.55 6.35
N ALA B 149 9.85 -15.36 7.66
CA ALA B 149 10.01 -14.02 8.24
C ALA B 149 11.34 -13.38 7.83
N ASN B 150 12.36 -14.21 7.65
CA ASN B 150 13.67 -13.68 7.25
C ASN B 150 13.65 -13.23 5.80
N TYR B 151 13.15 -14.09 4.93
CA TYR B 151 13.05 -13.82 3.49
C TYR B 151 12.17 -12.58 3.28
N ALA B 152 11.05 -12.51 4.01
CA ALA B 152 10.12 -11.40 3.90
C ALA B 152 10.75 -10.08 4.37
N ALA B 153 11.56 -10.16 5.43
CA ALA B 153 12.22 -8.98 5.97
C ALA B 153 13.15 -8.39 4.92
N ALA B 154 13.94 -9.23 4.28
CA ALA B 154 14.86 -8.78 3.24
C ALA B 154 14.11 -8.28 2.00
N LYS B 155 13.08 -9.01 1.58
CA LYS B 155 12.34 -8.61 0.39
C LYS B 155 11.55 -7.32 0.58
N ALA B 156 11.08 -7.10 1.81
CA ALA B 156 10.33 -5.88 2.11
C ALA B 156 11.38 -4.78 2.33
N GLY B 157 12.52 -5.17 2.90
CA GLY B 157 13.60 -4.23 3.14
C GLY B 157 14.17 -3.60 1.88
N LEU B 158 14.30 -4.39 0.81
CA LEU B 158 14.86 -3.83 -0.41
C LEU B 158 13.94 -2.83 -1.10
N ILE B 159 12.65 -2.86 -0.75
CA ILE B 159 11.69 -1.91 -1.31
C ILE B 159 11.94 -0.55 -0.62
N GLY B 160 12.04 -0.57 0.71
CA GLY B 160 12.30 0.68 1.43
C GLY B 160 13.62 1.28 0.98
N PHE B 161 14.60 0.42 0.69
CA PHE B 161 15.91 0.88 0.24
C PHE B 161 15.78 1.50 -1.15
N SER B 162 15.10 0.78 -2.03
CA SER B 162 14.91 1.24 -3.40
C SER B 162 14.21 2.59 -3.47
N LYS B 163 13.23 2.80 -2.60
CA LYS B 163 12.49 4.06 -2.58
C LYS B 163 13.40 5.20 -2.17
N SER B 164 14.22 4.96 -1.15
CA SER B 164 15.15 5.96 -0.67
C SER B 164 16.21 6.30 -1.71
N LEU B 165 16.84 5.27 -2.28
CA LEU B 165 17.84 5.51 -3.29
C LEU B 165 17.22 6.24 -4.48
N ALA B 166 16.00 5.81 -4.85
CA ALA B 166 15.30 6.44 -5.96
C ALA B 166 15.17 7.94 -5.74
N ARG B 167 14.87 8.34 -4.51
CA ARG B 167 14.73 9.76 -4.21
C ARG B 167 16.07 10.50 -4.34
N GLU B 168 17.18 9.79 -4.10
CA GLU B 168 18.51 10.40 -4.18
C GLU B 168 19.03 10.61 -5.60
N VAL B 169 18.68 9.73 -6.53
CA VAL B 169 19.19 9.82 -7.88
C VAL B 169 18.22 10.09 -9.02
N ALA B 170 16.93 10.28 -8.70
CA ALA B 170 15.93 10.52 -9.75
C ALA B 170 16.23 11.74 -10.63
N SER B 171 16.71 12.82 -10.03
CA SER B 171 16.99 14.03 -10.79
C SER B 171 18.12 13.83 -11.81
N ARG B 172 18.90 12.77 -11.64
CA ARG B 172 20.00 12.51 -12.56
C ARG B 172 19.69 11.41 -13.58
N GLY B 173 18.43 11.28 -13.97
CA GLY B 173 18.03 10.29 -14.96
C GLY B 173 18.23 8.82 -14.60
N ILE B 174 18.20 8.52 -13.30
CA ILE B 174 18.37 7.14 -12.84
C ILE B 174 17.10 6.66 -12.14
N THR B 175 16.62 5.48 -12.51
CA THR B 175 15.43 4.94 -11.86
C THR B 175 15.79 3.70 -11.04
N VAL B 176 15.12 3.54 -9.92
CA VAL B 176 15.36 2.41 -9.02
C VAL B 176 14.00 1.78 -8.75
N ASN B 177 13.82 0.55 -9.22
CA ASN B 177 12.56 -0.16 -9.08
C ASN B 177 12.70 -1.61 -8.63
N VAL B 178 11.56 -2.22 -8.34
CA VAL B 178 11.50 -3.59 -7.89
C VAL B 178 10.44 -4.36 -8.68
N VAL B 179 10.77 -5.58 -9.09
CA VAL B 179 9.84 -6.45 -9.78
C VAL B 179 9.60 -7.57 -8.77
N ALA B 180 8.37 -7.73 -8.33
CA ALA B 180 8.05 -8.74 -7.33
C ALA B 180 7.28 -9.94 -7.88
N PRO B 181 7.98 -11.03 -8.19
CA PRO B 181 7.35 -12.23 -8.74
C PRO B 181 6.49 -12.96 -7.71
N GLY B 182 5.49 -13.67 -8.20
CA GLY B 182 4.65 -14.48 -7.33
C GLY B 182 5.29 -15.85 -7.45
N PHE B 183 4.51 -16.92 -7.60
CA PHE B 183 5.08 -18.25 -7.75
C PHE B 183 5.59 -18.43 -9.17
N ILE B 184 6.89 -18.65 -9.33
CA ILE B 184 7.48 -18.85 -10.64
C ILE B 184 7.91 -20.30 -10.83
N GLU B 185 7.55 -20.87 -11.97
CA GLU B 185 7.88 -22.25 -12.27
C GLU B 185 9.37 -22.40 -12.34
N THR B 186 9.93 -23.11 -11.37
CA THR B 186 11.35 -23.32 -11.36
C THR B 186 11.65 -24.77 -11.06
N ASP B 187 12.86 -25.19 -11.39
CA ASP B 187 13.29 -26.57 -11.17
C ASP B 187 12.64 -27.12 -9.92
N MET B 188 12.70 -26.34 -8.84
CA MET B 188 12.12 -26.72 -7.54
C MET B 188 10.64 -27.09 -7.58
N THR B 189 9.84 -26.22 -8.19
CA THR B 189 8.39 -26.46 -8.28
C THR B 189 8.12 -27.49 -9.35
N ARG B 190 9.19 -28.07 -9.90
CA ARG B 190 9.01 -29.06 -10.94
C ARG B 190 9.12 -30.48 -10.42
N SER B 193 4.84 -33.80 -5.49
CA SER B 193 5.16 -33.84 -6.91
C SER B 193 3.93 -33.34 -7.65
N ASP B 194 2.76 -33.54 -7.01
CA ASP B 194 1.49 -33.09 -7.56
C ASP B 194 0.31 -32.83 -6.64
N ASP B 195 0.56 -32.72 -5.36
CA ASP B 195 -0.55 -32.42 -4.46
C ASP B 195 -0.10 -31.13 -3.85
N GLN B 196 1.18 -30.85 -4.07
CA GLN B 196 1.84 -29.65 -3.56
C GLN B 196 1.75 -28.54 -4.62
N ARG B 197 1.70 -28.89 -5.90
CA ARG B 197 1.60 -27.88 -6.95
C ARG B 197 0.19 -27.27 -6.87
N ALA B 198 -0.79 -28.14 -6.66
CA ALA B 198 -2.18 -27.72 -6.55
C ALA B 198 -2.45 -26.90 -5.28
N GLY B 199 -1.62 -27.08 -4.27
CA GLY B 199 -1.80 -26.32 -3.04
C GLY B 199 -1.35 -24.91 -3.37
N ILE B 200 -0.46 -24.82 -4.35
CA ILE B 200 0.08 -23.54 -4.80
C ILE B 200 -0.88 -22.87 -5.79
N LEU B 201 -1.26 -23.60 -6.84
CA LEU B 201 -2.17 -23.05 -7.85
C LEU B 201 -3.43 -22.47 -7.23
N ALA B 202 -3.89 -23.08 -6.14
CA ALA B 202 -5.09 -22.62 -5.45
C ALA B 202 -4.99 -21.17 -4.96
N GLN B 203 -3.77 -20.68 -4.77
CA GLN B 203 -3.56 -19.30 -4.30
C GLN B 203 -3.44 -18.32 -5.47
N VAL B 204 -3.43 -18.84 -6.69
CA VAL B 204 -3.26 -18.00 -7.87
C VAL B 204 -4.49 -17.91 -8.78
N PRO B 205 -5.15 -16.74 -8.82
CA PRO B 205 -6.33 -16.57 -9.67
C PRO B 205 -6.05 -16.94 -11.12
N ALA B 206 -4.87 -16.56 -11.62
CA ALA B 206 -4.48 -16.88 -12.98
C ALA B 206 -4.53 -18.39 -13.23
N GLY B 207 -4.48 -19.16 -12.15
CA GLY B 207 -4.54 -20.61 -12.26
C GLY B 207 -3.29 -21.27 -12.80
N ARG B 208 -2.14 -20.62 -12.65
CA ARG B 208 -0.89 -21.18 -13.15
C ARG B 208 0.30 -20.50 -12.51
N LEU B 209 1.46 -21.12 -12.65
CA LEU B 209 2.69 -20.56 -12.13
C LEU B 209 3.21 -19.62 -13.21
N GLY B 210 3.98 -18.61 -12.81
CA GLY B 210 4.52 -17.69 -13.79
C GLY B 210 5.74 -18.28 -14.44
N GLY B 211 6.11 -17.74 -15.60
CA GLY B 211 7.30 -18.21 -16.29
C GLY B 211 8.47 -17.28 -16.01
N ALA B 212 9.68 -17.83 -15.99
CA ALA B 212 10.86 -17.04 -15.75
C ALA B 212 10.97 -15.92 -16.78
N GLN B 213 10.57 -16.23 -18.00
CA GLN B 213 10.62 -15.26 -19.08
C GLN B 213 9.66 -14.10 -18.85
N GLU B 214 8.57 -14.36 -18.13
CA GLU B 214 7.59 -13.32 -17.85
C GLU B 214 8.19 -12.27 -16.91
N ILE B 215 9.00 -12.72 -15.95
CA ILE B 215 9.65 -11.80 -15.04
C ILE B 215 10.71 -11.03 -15.84
N ALA B 216 11.40 -11.72 -16.73
CA ALA B 216 12.43 -11.12 -17.56
C ALA B 216 11.85 -10.00 -18.44
N ASN B 217 10.65 -10.23 -18.97
CA ASN B 217 10.01 -9.22 -19.82
C ASN B 217 9.71 -7.95 -19.02
N ALA B 218 9.27 -8.11 -17.78
CA ALA B 218 8.96 -6.97 -16.92
C ALA B 218 10.25 -6.20 -16.61
N VAL B 219 11.33 -6.94 -16.33
CA VAL B 219 12.61 -6.34 -16.03
C VAL B 219 13.11 -5.55 -17.23
N ALA B 220 13.02 -6.16 -18.40
CA ALA B 220 13.47 -5.52 -19.63
C ALA B 220 12.68 -4.24 -19.90
N PHE B 221 11.40 -4.24 -19.59
CA PHE B 221 10.58 -3.04 -19.80
C PHE B 221 11.09 -1.90 -18.91
N LEU B 222 11.22 -2.17 -17.62
CA LEU B 222 11.70 -1.16 -16.68
C LEU B 222 13.12 -0.69 -17.00
N ALA B 223 13.93 -1.58 -17.55
CA ALA B 223 15.31 -1.24 -17.90
C ALA B 223 15.41 -0.37 -19.15
N SER B 224 14.37 -0.40 -19.98
CA SER B 224 14.37 0.36 -21.23
C SER B 224 14.09 1.85 -21.04
N ASP B 225 14.25 2.61 -22.12
CA ASP B 225 14.01 4.05 -22.11
C ASP B 225 12.52 4.33 -22.06
N GLU B 226 11.72 3.28 -22.19
CA GLU B 226 10.27 3.43 -22.16
C GLU B 226 9.73 3.54 -20.75
N ALA B 227 10.60 3.38 -19.75
CA ALA B 227 10.17 3.45 -18.36
C ALA B 227 10.99 4.46 -17.58
N ALA B 228 11.40 5.53 -18.25
CA ALA B 228 12.20 6.56 -17.61
C ALA B 228 11.44 7.33 -16.52
N TYR B 229 10.11 7.29 -16.56
CA TYR B 229 9.34 8.02 -15.56
C TYR B 229 8.80 7.13 -14.45
N ILE B 230 9.31 5.91 -14.38
CA ILE B 230 8.89 4.98 -13.35
C ILE B 230 10.07 4.81 -12.40
N THR B 231 9.87 5.13 -11.12
CA THR B 231 10.94 4.97 -10.13
C THR B 231 10.38 4.90 -8.72
N GLY B 232 11.05 4.11 -7.89
CA GLY B 232 10.61 3.92 -6.52
C GLY B 232 9.33 3.08 -6.52
N GLU B 233 9.10 2.40 -7.64
CA GLU B 233 7.89 1.60 -7.84
C GLU B 233 8.14 0.10 -7.77
N THR B 234 7.10 -0.63 -7.34
CA THR B 234 7.16 -2.09 -7.24
C THR B 234 6.14 -2.62 -8.24
N LEU B 235 6.61 -3.39 -9.23
CA LEU B 235 5.74 -3.97 -10.23
C LEU B 235 5.48 -5.43 -9.86
N HIS B 236 4.27 -5.73 -9.43
CA HIS B 236 3.90 -7.09 -9.04
C HIS B 236 3.52 -7.95 -10.24
N VAL B 237 4.16 -9.11 -10.35
CA VAL B 237 3.91 -10.06 -11.44
C VAL B 237 3.61 -11.39 -10.75
N ASN B 238 2.37 -11.53 -10.28
CA ASN B 238 2.00 -12.74 -9.53
C ASN B 238 0.70 -13.44 -9.91
N GLY B 239 0.17 -13.15 -11.10
CA GLY B 239 -1.06 -13.82 -11.52
C GLY B 239 -2.27 -13.55 -10.63
N GLY B 240 -2.22 -12.47 -9.85
CA GLY B 240 -3.33 -12.13 -8.98
C GLY B 240 -3.23 -12.74 -7.59
N MET B 241 -2.11 -13.40 -7.31
CA MET B 241 -1.91 -14.02 -6.00
C MET B 241 -2.11 -12.99 -4.89
N TYR B 242 -1.61 -11.77 -5.12
CA TYR B 242 -1.77 -10.68 -4.16
C TYR B 242 -2.04 -9.41 -4.97
N MET B 243 -2.83 -8.50 -4.41
CA MET B 243 -3.15 -7.27 -5.12
C MET B 243 -3.14 -6.03 -4.22
N VAL B 244 -2.24 -5.11 -4.52
CA VAL B 244 -2.16 -3.86 -3.79
C VAL B 244 -2.17 -2.71 -4.78
N ASN C 2 3.65 -7.91 -30.43
CA ASN C 2 2.88 -7.55 -31.63
C ASN C 2 1.37 -7.71 -31.42
N PHE C 3 0.63 -6.68 -31.76
CA PHE C 3 -0.82 -6.65 -31.59
C PHE C 3 -1.58 -7.02 -32.86
N GLU C 4 -0.88 -7.60 -33.84
CA GLU C 4 -1.50 -7.98 -35.10
C GLU C 4 -2.74 -8.83 -34.85
N GLY C 5 -3.87 -8.38 -35.39
CA GLY C 5 -5.10 -9.13 -35.22
C GLY C 5 -5.88 -8.70 -34.00
N LYS C 6 -5.29 -7.88 -33.14
CA LYS C 6 -5.99 -7.43 -31.95
C LYS C 6 -6.77 -6.15 -32.23
N ILE C 7 -7.94 -6.04 -31.60
CA ILE C 7 -8.79 -4.86 -31.73
C ILE C 7 -8.78 -4.14 -30.38
N ALA C 8 -8.41 -2.87 -30.41
CA ALA C 8 -8.34 -2.09 -29.18
C ALA C 8 -9.27 -0.88 -29.18
N LEU C 9 -9.92 -0.65 -28.05
CA LEU C 9 -10.83 0.48 -27.88
C LEU C 9 -10.21 1.40 -26.84
N VAL C 10 -9.93 2.63 -27.24
CA VAL C 10 -9.33 3.61 -26.35
C VAL C 10 -10.30 4.79 -26.21
N THR C 11 -10.87 4.97 -25.03
CA THR C 11 -11.81 6.06 -24.80
C THR C 11 -11.07 7.37 -24.51
N GLY C 12 -11.59 8.46 -25.05
CA GLY C 12 -10.98 9.77 -24.85
C GLY C 12 -9.61 9.83 -25.51
N ALA C 13 -9.56 9.51 -26.79
CA ALA C 13 -8.28 9.50 -27.52
C ALA C 13 -8.00 10.74 -28.38
N SER C 14 -8.60 11.87 -28.03
CA SER C 14 -8.39 13.09 -28.83
C SER C 14 -6.97 13.64 -28.79
N ARG C 15 -6.34 13.62 -27.62
CA ARG C 15 -5.00 14.16 -27.47
C ARG C 15 -4.29 13.59 -26.24
N GLY C 16 -3.16 14.19 -25.89
CA GLY C 16 -2.39 13.77 -24.73
C GLY C 16 -2.23 12.26 -24.58
N ILE C 17 -2.44 11.78 -23.36
CA ILE C 17 -2.33 10.36 -23.04
C ILE C 17 -3.18 9.47 -23.95
N GLY C 18 -4.46 9.81 -24.09
CA GLY C 18 -5.35 9.02 -24.91
C GLY C 18 -4.87 8.84 -26.35
N ARG C 19 -4.42 9.92 -26.97
CA ARG C 19 -3.94 9.84 -28.35
C ARG C 19 -2.64 9.05 -28.44
N ALA C 20 -1.73 9.29 -27.49
CA ALA C 20 -0.46 8.57 -27.49
C ALA C 20 -0.72 7.07 -27.41
N ILE C 21 -1.68 6.69 -26.57
CA ILE C 21 -2.03 5.28 -26.40
C ILE C 21 -2.56 4.71 -27.72
N ALA C 22 -3.50 5.42 -28.34
CA ALA C 22 -4.08 4.98 -29.60
C ALA C 22 -3.01 4.84 -30.71
N GLU C 23 -2.17 5.85 -30.86
CA GLU C 23 -1.13 5.82 -31.89
C GLU C 23 -0.12 4.69 -31.63
N THR C 24 0.22 4.48 -30.37
CA THR C 24 1.19 3.46 -30.01
C THR C 24 0.68 2.04 -30.30
N LEU C 25 -0.56 1.76 -29.93
CA LEU C 25 -1.12 0.43 -30.21
C LEU C 25 -1.25 0.22 -31.72
N ALA C 26 -1.62 1.26 -32.44
CA ALA C 26 -1.76 1.18 -33.89
C ALA C 26 -0.40 0.93 -34.53
N ALA C 27 0.60 1.70 -34.09
CA ALA C 27 1.95 1.56 -34.62
C ALA C 27 2.48 0.14 -34.41
N ARG C 28 1.94 -0.56 -33.42
CA ARG C 28 2.39 -1.91 -33.13
C ARG C 28 1.51 -3.01 -33.70
N GLY C 29 0.68 -2.67 -34.68
CA GLY C 29 -0.16 -3.66 -35.35
C GLY C 29 -1.62 -3.82 -34.96
N ALA C 30 -2.08 -3.11 -33.95
CA ALA C 30 -3.48 -3.23 -33.54
C ALA C 30 -4.43 -2.34 -34.32
N LYS C 31 -5.67 -2.82 -34.51
CA LYS C 31 -6.70 -2.03 -35.17
C LYS C 31 -7.29 -1.27 -34.03
N VAL C 32 -7.15 0.05 -34.06
CA VAL C 32 -7.61 0.89 -32.98
C VAL C 32 -8.85 1.76 -33.22
N ILE C 33 -9.75 1.77 -32.23
CA ILE C 33 -10.93 2.60 -32.28
C ILE C 33 -10.78 3.56 -31.10
N GLY C 34 -10.57 4.84 -31.41
CA GLY C 34 -10.42 5.84 -30.36
C GLY C 34 -11.72 6.61 -30.29
N THR C 35 -12.06 7.18 -29.13
CA THR C 35 -13.31 7.91 -29.02
C THR C 35 -13.19 9.34 -28.51
N ALA C 36 -14.20 10.15 -28.83
CA ALA C 36 -14.29 11.53 -28.40
C ALA C 36 -15.77 11.80 -28.12
N THR C 37 -16.07 12.92 -27.47
CA THR C 37 -17.46 13.24 -27.13
C THR C 37 -18.25 13.90 -28.26
N SER C 38 -17.59 14.24 -29.37
CA SER C 38 -18.25 14.88 -30.50
C SER C 38 -17.88 14.19 -31.83
N GLU C 39 -18.73 14.37 -32.84
CA GLU C 39 -18.49 13.78 -34.15
C GLU C 39 -17.23 14.37 -34.78
N ASN C 40 -17.01 15.66 -34.54
CA ASN C 40 -15.83 16.29 -35.09
C ASN C 40 -14.58 15.71 -34.45
N GLY C 41 -14.63 15.55 -33.13
CA GLY C 41 -13.49 14.97 -32.43
C GLY C 41 -13.22 13.57 -32.94
N ALA C 42 -14.29 12.82 -33.19
CA ALA C 42 -14.17 11.46 -33.69
C ALA C 42 -13.54 11.43 -35.08
N GLN C 43 -13.88 12.39 -35.93
CA GLN C 43 -13.33 12.47 -37.28
C GLN C 43 -11.83 12.73 -37.23
N ALA C 44 -11.43 13.64 -36.34
CA ALA C 44 -10.01 13.98 -36.19
C ALA C 44 -9.23 12.74 -35.76
N ILE C 45 -9.86 11.88 -34.98
CA ILE C 45 -9.20 10.66 -34.52
C ILE C 45 -9.10 9.71 -35.72
N SER C 46 -10.18 9.63 -36.49
CA SER C 46 -10.18 8.76 -37.68
C SER C 46 -9.09 9.25 -38.62
N ASP C 47 -8.86 10.56 -38.65
CA ASP C 47 -7.84 11.13 -39.50
C ASP C 47 -6.43 10.72 -39.13
N TYR C 48 -6.05 10.83 -37.86
CA TYR C 48 -4.70 10.46 -37.50
C TYR C 48 -4.48 8.94 -37.46
N LEU C 49 -5.55 8.18 -37.23
CA LEU C 49 -5.43 6.73 -37.20
C LEU C 49 -5.36 6.15 -38.60
N GLY C 50 -5.98 6.85 -39.55
CA GLY C 50 -5.97 6.40 -40.93
C GLY C 50 -6.45 4.97 -41.14
N ALA C 51 -5.67 4.20 -41.88
CA ALA C 51 -6.02 2.81 -42.18
C ALA C 51 -5.85 1.86 -41.00
N ASN C 52 -5.32 2.36 -39.89
CA ASN C 52 -5.11 1.49 -38.72
C ASN C 52 -6.23 1.57 -37.69
N GLY C 53 -7.27 2.35 -37.97
CA GLY C 53 -8.34 2.46 -37.02
C GLY C 53 -9.45 3.43 -37.41
N LYS C 54 -10.21 3.86 -36.41
CA LYS C 54 -11.32 4.76 -36.65
C LYS C 54 -11.70 5.52 -35.37
N GLY C 55 -12.26 6.71 -35.54
CA GLY C 55 -12.69 7.48 -34.39
C GLY C 55 -14.20 7.39 -34.31
N LEU C 56 -14.73 7.26 -33.10
CA LEU C 56 -16.18 7.19 -32.91
C LEU C 56 -16.59 8.10 -31.76
N MET C 57 -17.79 8.64 -31.85
CA MET C 57 -18.30 9.51 -30.80
C MET C 57 -18.87 8.63 -29.69
N LEU C 58 -18.42 8.86 -28.46
CA LEU C 58 -18.87 8.07 -27.33
C LEU C 58 -18.97 8.90 -26.05
N ASN C 59 -20.02 8.65 -25.28
CA ASN C 59 -20.20 9.35 -24.01
C ASN C 59 -20.18 8.19 -23.01
N VAL C 60 -19.13 8.09 -22.19
CA VAL C 60 -19.03 6.98 -21.26
C VAL C 60 -20.03 7.01 -20.11
N THR C 61 -20.83 8.07 -20.01
CA THR C 61 -21.82 8.15 -18.94
C THR C 61 -23.22 7.78 -19.45
N ASP C 62 -23.31 7.51 -20.77
CA ASP C 62 -24.58 7.15 -21.42
C ASP C 62 -24.59 5.72 -21.96
N PRO C 63 -25.34 4.81 -21.31
CA PRO C 63 -25.42 3.41 -21.75
C PRO C 63 -25.75 3.22 -23.23
N ALA C 64 -26.70 4.01 -23.73
CA ALA C 64 -27.10 3.93 -25.13
C ALA C 64 -25.91 4.22 -26.03
N SER C 65 -25.11 5.21 -25.66
CA SER C 65 -23.93 5.57 -26.44
C SER C 65 -22.94 4.41 -26.43
N ILE C 66 -22.71 3.85 -25.25
CA ILE C 66 -21.78 2.74 -25.11
C ILE C 66 -22.17 1.54 -25.96
N GLU C 67 -23.43 1.12 -25.85
CA GLU C 67 -23.91 -0.02 -26.61
C GLU C 67 -23.88 0.25 -28.12
N SER C 68 -24.24 1.47 -28.50
CA SER C 68 -24.25 1.85 -29.90
C SER C 68 -22.83 1.81 -30.47
N VAL C 69 -21.87 2.36 -29.73
CA VAL C 69 -20.49 2.38 -30.18
C VAL C 69 -19.98 0.95 -30.35
N LEU C 70 -20.21 0.11 -29.34
CA LEU C 70 -19.77 -1.27 -29.40
C LEU C 70 -20.42 -2.04 -30.55
N GLU C 71 -21.69 -1.76 -30.81
CA GLU C 71 -22.39 -2.43 -31.89
C GLU C 71 -21.70 -2.08 -33.20
N LYS C 72 -21.28 -0.83 -33.34
CA LYS C 72 -20.58 -0.38 -34.54
C LYS C 72 -19.20 -1.02 -34.69
N ILE C 73 -18.43 -1.08 -33.61
CA ILE C 73 -17.10 -1.68 -33.66
C ILE C 73 -17.21 -3.13 -34.11
N ARG C 74 -18.19 -3.84 -33.58
CA ARG C 74 -18.40 -5.24 -33.93
C ARG C 74 -18.68 -5.40 -35.42
N ALA C 75 -19.47 -4.47 -35.96
CA ALA C 75 -19.83 -4.51 -37.38
C ALA C 75 -18.64 -4.25 -38.29
N GLU C 76 -17.88 -3.19 -38.00
CA GLU C 76 -16.74 -2.87 -38.84
C GLU C 76 -15.46 -3.66 -38.58
N PHE C 77 -15.19 -3.96 -37.31
CA PHE C 77 -13.98 -4.69 -36.97
C PHE C 77 -14.21 -6.03 -36.29
N GLY C 78 -14.88 -6.01 -35.15
CA GLY C 78 -15.14 -7.25 -34.43
C GLY C 78 -15.18 -7.00 -32.93
N GLU C 79 -14.97 -8.05 -32.13
CA GLU C 79 -15.00 -7.89 -30.68
C GLU C 79 -13.72 -7.23 -30.18
N VAL C 80 -13.86 -6.44 -29.12
CA VAL C 80 -12.72 -5.74 -28.52
C VAL C 80 -11.83 -6.69 -27.70
N ASP C 81 -10.53 -6.69 -27.98
CA ASP C 81 -9.58 -7.53 -27.27
C ASP C 81 -8.89 -6.74 -26.17
N ILE C 82 -8.70 -5.44 -26.43
CA ILE C 82 -8.03 -4.56 -25.49
C ILE C 82 -8.86 -3.32 -25.22
N LEU C 83 -9.22 -3.12 -23.95
CA LEU C 83 -9.99 -1.96 -23.55
C LEU C 83 -9.15 -1.03 -22.69
N VAL C 84 -9.00 0.22 -23.14
CA VAL C 84 -8.25 1.19 -22.36
C VAL C 84 -9.21 2.29 -21.93
N ASN C 85 -9.51 2.32 -20.63
CA ASN C 85 -10.41 3.33 -20.08
C ASN C 85 -9.63 4.59 -19.76
N ASN C 86 -9.57 5.53 -20.71
CA ASN C 86 -8.83 6.76 -20.51
C ASN C 86 -9.73 7.98 -20.31
N ALA C 87 -10.97 7.91 -20.79
CA ALA C 87 -11.90 9.02 -20.63
C ALA C 87 -11.94 9.43 -19.18
N GLY C 88 -11.88 10.73 -18.92
CA GLY C 88 -11.90 11.23 -17.56
C GLY C 88 -11.86 12.74 -17.51
N ILE C 89 -12.38 13.32 -16.43
CA ILE C 89 -12.40 14.77 -16.28
C ILE C 89 -12.14 15.17 -14.85
N THR C 90 -12.10 16.48 -14.63
CA THR C 90 -11.90 17.01 -13.29
C THR C 90 -12.91 18.13 -13.05
N ARG C 91 -13.33 18.26 -11.80
CA ARG C 91 -14.26 19.30 -11.36
C ARG C 91 -13.77 19.61 -9.96
N ASP C 92 -12.58 20.21 -9.89
CA ASP C 92 -11.96 20.53 -8.61
C ASP C 92 -12.68 21.57 -7.77
N ASN C 93 -12.54 21.44 -6.46
CA ASN C 93 -13.13 22.35 -5.50
C ASN C 93 -12.96 21.80 -4.10
N LEU C 94 -12.79 22.70 -3.13
CA LEU C 94 -12.66 22.29 -1.74
C LEU C 94 -13.99 21.63 -1.40
N LEU C 95 -13.96 20.62 -0.54
CA LEU C 95 -15.17 19.88 -0.19
C LEU C 95 -16.33 20.76 0.26
N MET C 96 -16.03 21.77 1.06
CA MET C 96 -17.06 22.66 1.55
C MET C 96 -17.77 23.41 0.42
N ARG C 97 -17.07 23.58 -0.70
CA ARG C 97 -17.65 24.29 -1.85
C ARG C 97 -18.19 23.34 -2.91
N MET C 98 -17.68 22.11 -2.94
CA MET C 98 -18.07 21.14 -3.94
C MET C 98 -19.58 20.92 -4.09
N LYS C 99 -20.09 21.24 -5.27
CA LYS C 99 -21.50 21.07 -5.58
C LYS C 99 -21.80 19.59 -5.86
N ASP C 100 -23.03 19.19 -5.65
CA ASP C 100 -23.44 17.81 -5.88
C ASP C 100 -23.16 17.37 -7.32
N GLU C 101 -23.37 18.28 -8.26
CA GLU C 101 -23.13 17.99 -9.67
C GLU C 101 -21.65 17.75 -9.91
N GLU C 102 -20.80 18.53 -9.23
CA GLU C 102 -19.35 18.38 -9.38
C GLU C 102 -18.90 17.01 -8.89
N TRP C 103 -19.54 16.54 -7.82
CA TRP C 103 -19.23 15.22 -7.27
C TRP C 103 -19.76 14.14 -8.21
N ASN C 104 -21.06 14.20 -8.48
CA ASN C 104 -21.70 13.22 -9.34
C ASN C 104 -21.07 13.05 -10.71
N ASP C 105 -20.79 14.17 -11.38
CA ASP C 105 -20.22 14.09 -12.72
C ASP C 105 -18.87 13.38 -12.75
N ILE C 106 -18.06 13.61 -11.73
CA ILE C 106 -16.76 12.96 -11.63
C ILE C 106 -16.93 11.46 -11.37
N ILE C 107 -17.88 11.12 -10.49
CA ILE C 107 -18.14 9.70 -10.19
C ILE C 107 -18.63 8.97 -11.43
N GLU C 108 -19.61 9.55 -12.12
CA GLU C 108 -20.14 8.91 -13.31
C GLU C 108 -19.12 8.80 -14.44
N THR C 109 -18.41 9.89 -14.71
CA THR C 109 -17.45 9.91 -15.79
C THR C 109 -16.13 9.18 -15.53
N ASN C 110 -15.62 9.28 -14.30
CA ASN C 110 -14.33 8.66 -13.97
C ASN C 110 -14.39 7.29 -13.31
N LEU C 111 -15.52 6.92 -12.72
CA LEU C 111 -15.64 5.63 -12.05
C LEU C 111 -16.69 4.70 -12.67
N SER C 112 -17.95 5.14 -12.67
CA SER C 112 -19.02 4.32 -13.23
C SER C 112 -18.77 3.94 -14.69
N SER C 113 -18.03 4.79 -15.39
CA SER C 113 -17.70 4.53 -16.79
C SER C 113 -16.85 3.27 -16.92
N VAL C 114 -15.95 3.06 -15.95
CA VAL C 114 -15.09 1.88 -15.97
C VAL C 114 -15.95 0.62 -15.85
N PHE C 115 -16.96 0.69 -14.97
CA PHE C 115 -17.88 -0.43 -14.78
C PHE C 115 -18.65 -0.74 -16.06
N ARG C 116 -19.25 0.29 -16.63
CA ARG C 116 -20.05 0.16 -17.86
C ARG C 116 -19.28 -0.37 -19.06
N LEU C 117 -18.11 0.19 -19.32
CA LEU C 117 -17.31 -0.26 -20.46
C LEU C 117 -16.66 -1.62 -20.26
N SER C 118 -16.28 -1.95 -19.03
CA SER C 118 -15.65 -3.25 -18.77
C SER C 118 -16.70 -4.34 -18.93
N LYS C 119 -17.87 -4.12 -18.34
CA LYS C 119 -18.97 -5.07 -18.42
C LYS C 119 -19.45 -5.25 -19.86
N ALA C 120 -19.30 -4.21 -20.67
CA ALA C 120 -19.74 -4.24 -22.07
C ALA C 120 -18.84 -5.00 -23.02
N VAL C 121 -17.59 -5.25 -22.64
CA VAL C 121 -16.67 -5.99 -23.51
C VAL C 121 -16.25 -7.30 -22.87
N MET C 122 -16.67 -7.51 -21.63
CA MET C 122 -16.32 -8.70 -20.88
C MET C 122 -16.77 -10.05 -21.45
N ARG C 123 -18.04 -10.18 -21.80
CA ARG C 123 -18.57 -11.43 -22.36
C ARG C 123 -17.72 -12.00 -23.50
N ALA C 124 -17.45 -11.18 -24.51
CA ALA C 124 -16.66 -11.66 -25.64
C ALA C 124 -15.28 -12.15 -25.20
N MET C 125 -14.65 -11.41 -24.30
CA MET C 125 -13.33 -11.78 -23.80
C MET C 125 -13.36 -13.14 -23.12
N MET C 126 -14.34 -13.34 -22.25
CA MET C 126 -14.47 -14.60 -21.54
C MET C 126 -14.52 -15.76 -22.53
N LYS C 127 -15.32 -15.61 -23.59
CA LYS C 127 -15.46 -16.65 -24.60
C LYS C 127 -14.14 -16.96 -25.32
N LYS C 128 -13.34 -15.94 -25.62
CA LYS C 128 -12.06 -16.15 -26.29
C LYS C 128 -11.00 -16.64 -25.32
N ARG C 129 -11.27 -16.46 -24.03
CA ARG C 129 -10.34 -16.82 -22.98
C ARG C 129 -9.06 -16.01 -23.17
N HIS C 130 -9.26 -14.70 -23.36
CA HIS C 130 -8.15 -13.77 -23.52
C HIS C 130 -8.66 -12.33 -23.61
N GLY C 131 -7.94 -11.41 -22.99
CA GLY C 131 -8.36 -10.03 -23.02
C GLY C 131 -7.51 -9.15 -22.14
N ARG C 132 -7.65 -7.84 -22.33
CA ARG C 132 -6.91 -6.87 -21.55
C ARG C 132 -7.79 -5.68 -21.25
N ILE C 133 -7.86 -5.32 -19.98
CA ILE C 133 -8.61 -4.15 -19.57
C ILE C 133 -7.61 -3.33 -18.78
N ILE C 134 -7.38 -2.11 -19.23
CA ILE C 134 -6.42 -1.22 -18.59
C ILE C 134 -7.09 0.12 -18.38
N THR C 135 -7.08 0.58 -17.14
CA THR C 135 -7.70 1.86 -16.82
C THR C 135 -6.63 2.86 -16.41
N ILE C 136 -6.74 4.09 -16.88
CA ILE C 136 -5.79 5.12 -16.53
C ILE C 136 -6.27 5.75 -15.22
N GLY C 137 -5.54 5.49 -14.15
CA GLY C 137 -5.89 6.05 -12.85
C GLY C 137 -5.16 7.35 -12.66
N SER C 138 -4.63 7.55 -11.45
CA SER C 138 -3.89 8.76 -11.12
C SER C 138 -3.22 8.61 -9.77
N VAL C 139 -2.07 9.26 -9.61
CA VAL C 139 -1.36 9.23 -8.35
C VAL C 139 -2.30 9.76 -7.27
N VAL C 140 -3.23 10.64 -7.68
CA VAL C 140 -4.19 11.23 -6.75
C VAL C 140 -5.08 10.18 -6.08
N GLY C 141 -5.42 9.13 -6.80
CA GLY C 141 -6.26 8.09 -6.24
C GLY C 141 -5.55 7.32 -5.13
N THR C 142 -4.23 7.47 -5.06
CA THR C 142 -3.44 6.78 -4.05
C THR C 142 -2.98 7.70 -2.92
N MET C 143 -2.60 8.92 -3.23
CA MET C 143 -2.13 9.81 -2.18
C MET C 143 -3.18 10.80 -1.71
N GLY C 144 -4.23 10.99 -2.51
CA GLY C 144 -5.27 11.94 -2.15
C GLY C 144 -4.76 13.34 -2.51
N ASN C 145 -5.66 14.31 -2.59
CA ASN C 145 -5.22 15.67 -2.91
C ASN C 145 -6.29 16.69 -2.55
N GLY C 146 -5.88 17.73 -1.83
CA GLY C 146 -6.79 18.77 -1.43
C GLY C 146 -7.40 19.37 -2.69
N GLY C 147 -8.70 19.63 -2.65
CA GLY C 147 -9.36 20.19 -3.81
C GLY C 147 -9.82 19.16 -4.82
N GLN C 148 -9.44 17.89 -4.62
CA GLN C 148 -9.84 16.85 -5.57
C GLN C 148 -10.41 15.60 -4.91
N ALA C 149 -11.21 15.79 -3.87
CA ALA C 149 -11.81 14.66 -3.17
C ALA C 149 -12.67 13.80 -4.09
N ASN C 150 -13.36 14.44 -5.04
CA ASN C 150 -14.21 13.70 -5.97
C ASN C 150 -13.34 12.91 -6.96
N TYR C 151 -12.33 13.56 -7.49
CA TYR C 151 -11.43 12.93 -8.44
C TYR C 151 -10.68 11.78 -7.77
N ALA C 152 -10.25 12.00 -6.53
CA ALA C 152 -9.52 10.99 -5.76
C ALA C 152 -10.38 9.77 -5.45
N ALA C 153 -11.65 10.01 -5.14
CA ALA C 153 -12.57 8.92 -4.83
C ALA C 153 -12.77 8.04 -6.05
N ALA C 154 -12.92 8.67 -7.22
CA ALA C 154 -13.11 7.91 -8.45
C ALA C 154 -11.86 7.13 -8.86
N LYS C 155 -10.71 7.78 -8.76
CA LYS C 155 -9.45 7.15 -9.15
C LYS C 155 -9.05 6.05 -8.20
N ALA C 156 -9.40 6.20 -6.92
CA ALA C 156 -9.10 5.18 -5.94
C ALA C 156 -10.12 4.06 -6.13
N GLY C 157 -11.36 4.46 -6.41
CA GLY C 157 -12.42 3.49 -6.59
C GLY C 157 -12.22 2.53 -7.74
N LEU C 158 -11.66 3.00 -8.85
CA LEU C 158 -11.45 2.15 -10.01
C LEU C 158 -10.39 1.10 -9.76
N ILE C 159 -9.60 1.29 -8.70
CA ILE C 159 -8.58 0.33 -8.35
C ILE C 159 -9.27 -0.83 -7.63
N GLY C 160 -10.18 -0.51 -6.72
CA GLY C 160 -10.91 -1.54 -6.01
C GLY C 160 -11.72 -2.37 -7.01
N PHE C 161 -12.30 -1.67 -7.99
CA PHE C 161 -13.10 -2.31 -9.04
C PHE C 161 -12.20 -3.23 -9.86
N SER C 162 -11.05 -2.72 -10.30
CA SER C 162 -10.12 -3.50 -11.10
C SER C 162 -9.65 -4.75 -10.39
N LYS C 163 -9.36 -4.64 -9.09
CA LYS C 163 -8.90 -5.80 -8.31
C LYS C 163 -9.99 -6.87 -8.23
N SER C 164 -11.23 -6.43 -8.02
CA SER C 164 -12.35 -7.37 -7.91
C SER C 164 -12.58 -8.07 -9.25
N LEU C 165 -12.62 -7.31 -10.34
CA LEU C 165 -12.82 -7.89 -11.67
C LEU C 165 -11.68 -8.82 -12.04
N ALA C 166 -10.45 -8.41 -11.72
CA ALA C 166 -9.28 -9.22 -12.02
C ALA C 166 -9.42 -10.63 -11.44
N ARG C 167 -9.95 -10.72 -10.23
CA ARG C 167 -10.12 -12.00 -9.57
C ARG C 167 -11.19 -12.86 -10.26
N GLU C 168 -12.22 -12.22 -10.80
CA GLU C 168 -13.31 -12.93 -11.48
C GLU C 168 -12.90 -13.52 -12.83
N VAL C 169 -11.99 -12.84 -13.55
CA VAL C 169 -11.60 -13.30 -14.87
C VAL C 169 -10.17 -13.78 -15.08
N ALA C 170 -9.36 -13.78 -14.03
CA ALA C 170 -7.97 -14.22 -14.16
C ALA C 170 -7.80 -15.62 -14.77
N SER C 171 -8.67 -16.55 -14.39
CA SER C 171 -8.57 -17.91 -14.91
C SER C 171 -8.87 -18.01 -16.40
N ARG C 172 -9.56 -17.00 -16.94
CA ARG C 172 -9.92 -16.96 -18.36
C ARG C 172 -8.90 -16.24 -19.23
N GLY C 173 -7.68 -16.07 -18.75
CA GLY C 173 -6.66 -15.42 -19.54
C GLY C 173 -6.87 -13.93 -19.78
N ILE C 174 -7.65 -13.29 -18.91
CA ILE C 174 -7.93 -11.87 -19.00
C ILE C 174 -7.29 -11.12 -17.83
N THR C 175 -6.58 -10.04 -18.10
CA THR C 175 -5.95 -9.27 -17.03
C THR C 175 -6.63 -7.90 -16.93
N VAL C 176 -6.72 -7.39 -15.71
CA VAL C 176 -7.34 -6.10 -15.44
C VAL C 176 -6.36 -5.32 -14.57
N ASN C 177 -5.81 -4.24 -15.14
CA ASN C 177 -4.83 -3.44 -14.42
C ASN C 177 -5.07 -1.93 -14.51
N VAL C 178 -4.27 -1.19 -13.76
CA VAL C 178 -4.36 0.26 -13.72
C VAL C 178 -2.98 0.88 -13.88
N VAL C 179 -2.90 1.92 -14.69
CA VAL C 179 -1.65 2.66 -14.87
C VAL C 179 -1.97 4.02 -14.24
N ALA C 180 -1.23 4.38 -13.20
CA ALA C 180 -1.47 5.63 -12.49
C ALA C 180 -0.41 6.69 -12.74
N PRO C 181 -0.69 7.62 -13.67
CA PRO C 181 0.26 8.69 -14.00
C PRO C 181 0.39 9.72 -12.88
N GLY C 182 1.55 10.37 -12.81
CA GLY C 182 1.77 11.42 -11.83
C GLY C 182 1.46 12.67 -12.66
N PHE C 183 2.29 13.71 -12.57
CA PHE C 183 2.05 14.92 -13.37
C PHE C 183 2.50 14.70 -14.80
N ILE C 184 1.56 14.77 -15.74
CA ILE C 184 1.89 14.58 -17.15
C ILE C 184 1.73 15.89 -17.91
N GLU C 185 2.65 16.16 -18.83
CA GLU C 185 2.58 17.40 -19.60
C GLU C 185 1.35 17.37 -20.50
N THR C 186 0.54 18.43 -20.42
CA THR C 186 -0.67 18.56 -21.23
C THR C 186 -0.79 20.04 -21.62
N ASP C 187 -1.83 20.38 -22.37
CA ASP C 187 -2.00 21.77 -22.77
C ASP C 187 -2.15 22.65 -21.54
N MET C 188 -2.81 22.12 -20.52
CA MET C 188 -3.03 22.85 -19.27
C MET C 188 -1.72 23.20 -18.58
N THR C 189 -0.84 22.22 -18.42
CA THR C 189 0.44 22.46 -17.77
C THR C 189 1.37 23.27 -18.66
N ARG C 190 1.37 22.98 -19.96
CA ARG C 190 2.23 23.71 -20.89
C ARG C 190 2.08 25.22 -20.78
N ALA C 191 0.87 25.67 -20.51
CA ALA C 191 0.59 27.09 -20.40
C ALA C 191 0.76 27.65 -18.99
N LEU C 192 1.15 26.80 -18.03
CA LEU C 192 1.34 27.29 -16.66
C LEU C 192 2.56 28.23 -16.67
N SER C 193 2.77 28.93 -15.56
CA SER C 193 3.89 29.86 -15.46
C SER C 193 5.09 29.12 -14.88
N ASP C 194 6.28 29.61 -15.18
CA ASP C 194 7.48 28.99 -14.66
C ASP C 194 7.38 28.87 -13.15
N ASP C 195 6.72 29.86 -12.53
CA ASP C 195 6.58 29.87 -11.08
C ASP C 195 5.69 28.73 -10.58
N GLN C 196 4.64 28.41 -11.33
CA GLN C 196 3.76 27.32 -10.93
C GLN C 196 4.37 25.98 -11.28
N ARG C 197 4.98 25.90 -12.45
CA ARG C 197 5.63 24.66 -12.87
C ARG C 197 6.66 24.29 -11.81
N ALA C 198 7.33 25.30 -11.26
CA ALA C 198 8.32 25.05 -10.21
C ALA C 198 7.64 24.40 -9.01
N GLY C 199 6.42 24.84 -8.71
CA GLY C 199 5.68 24.28 -7.59
C GLY C 199 5.35 22.81 -7.83
N ILE C 200 5.13 22.47 -9.10
CA ILE C 200 4.83 21.10 -9.48
C ILE C 200 6.10 20.26 -9.44
N LEU C 201 7.14 20.73 -10.13
CA LEU C 201 8.42 20.02 -10.19
C LEU C 201 9.01 19.71 -8.83
N ALA C 202 8.79 20.60 -7.87
CA ALA C 202 9.30 20.42 -6.53
C ALA C 202 8.78 19.13 -5.91
N GLN C 203 7.60 18.69 -6.34
CA GLN C 203 7.00 17.47 -5.82
C GLN C 203 7.49 16.23 -6.57
N VAL C 204 8.27 16.43 -7.62
CA VAL C 204 8.74 15.29 -8.41
C VAL C 204 10.26 15.05 -8.39
N PRO C 205 10.69 13.97 -7.72
CA PRO C 205 12.12 13.66 -7.66
C PRO C 205 12.80 13.65 -9.04
N ALA C 206 12.11 13.11 -10.06
CA ALA C 206 12.67 13.07 -11.41
C ALA C 206 12.97 14.49 -11.94
N GLY C 207 12.30 15.50 -11.37
CA GLY C 207 12.54 16.87 -11.77
C GLY C 207 11.97 17.32 -13.11
N ARG C 208 10.96 16.62 -13.60
CA ARG C 208 10.34 16.96 -14.87
C ARG C 208 8.93 16.39 -14.87
N LEU C 209 8.12 16.82 -15.83
CA LEU C 209 6.78 16.29 -15.92
C LEU C 209 6.92 15.06 -16.79
N GLY C 210 5.95 14.15 -16.68
CA GLY C 210 5.98 12.96 -17.50
C GLY C 210 5.39 13.23 -18.87
N GLY C 211 5.72 12.39 -19.84
CA GLY C 211 5.19 12.57 -21.17
C GLY C 211 4.01 11.64 -21.42
N ALA C 212 3.11 12.06 -22.30
CA ALA C 212 1.95 11.25 -22.62
C ALA C 212 2.44 9.93 -23.20
N GLN C 213 3.51 9.98 -23.98
CA GLN C 213 4.06 8.77 -24.59
C GLN C 213 4.58 7.79 -23.55
N GLU C 214 5.04 8.30 -22.41
CA GLU C 214 5.57 7.44 -21.36
C GLU C 214 4.44 6.62 -20.75
N ILE C 215 3.27 7.22 -20.63
CA ILE C 215 2.12 6.51 -20.10
C ILE C 215 1.68 5.49 -21.14
N ALA C 216 1.71 5.89 -22.41
CA ALA C 216 1.33 5.01 -23.50
C ALA C 216 2.22 3.77 -23.56
N ASN C 217 3.52 3.95 -23.30
CA ASN C 217 4.43 2.82 -23.32
C ASN C 217 4.07 1.80 -22.23
N ALA C 218 3.70 2.30 -21.04
CA ALA C 218 3.33 1.42 -19.94
C ALA C 218 2.05 0.67 -20.28
N VAL C 219 1.10 1.38 -20.88
CA VAL C 219 -0.17 0.78 -21.27
C VAL C 219 0.07 -0.32 -22.29
N ALA C 220 0.90 -0.02 -23.29
CA ALA C 220 1.21 -0.98 -24.34
C ALA C 220 1.88 -2.22 -23.78
N PHE C 221 2.72 -2.04 -22.76
CA PHE C 221 3.39 -3.19 -22.14
C PHE C 221 2.35 -4.10 -21.50
N LEU C 222 1.50 -3.53 -20.65
CA LEU C 222 0.47 -4.31 -19.97
C LEU C 222 -0.52 -4.95 -20.95
N ALA C 223 -0.76 -4.29 -22.07
CA ALA C 223 -1.69 -4.81 -23.07
C ALA C 223 -1.10 -5.96 -23.88
N SER C 224 0.22 -6.07 -23.89
CA SER C 224 0.90 -7.13 -24.65
C SER C 224 0.88 -8.50 -23.99
N ASP C 225 1.32 -9.50 -24.74
CA ASP C 225 1.38 -10.87 -24.23
C ASP C 225 2.53 -11.02 -23.22
N GLU C 226 3.40 -10.02 -23.13
CA GLU C 226 4.51 -10.09 -22.20
C GLU C 226 4.08 -9.72 -20.77
N ALA C 227 2.79 -9.45 -20.60
CA ALA C 227 2.26 -9.07 -19.29
C ALA C 227 1.09 -9.94 -18.89
N ALA C 228 1.09 -11.19 -19.39
CA ALA C 228 -0.01 -12.11 -19.09
C ALA C 228 -0.09 -12.51 -17.62
N TYR C 229 1.03 -12.40 -16.89
CA TYR C 229 1.01 -12.77 -15.48
C TYR C 229 0.83 -11.58 -14.54
N ILE C 230 0.45 -10.44 -15.11
CA ILE C 230 0.22 -9.23 -14.31
C ILE C 230 -1.28 -8.90 -14.29
N THR C 231 -1.92 -8.94 -13.11
CA THR C 231 -3.33 -8.62 -13.03
C THR C 231 -3.73 -8.09 -11.65
N GLY C 232 -4.71 -7.18 -11.60
CA GLY C 232 -5.15 -6.59 -10.34
C GLY C 232 -4.06 -5.69 -9.78
N GLU C 233 -3.13 -5.30 -10.65
CA GLU C 233 -1.99 -4.48 -10.27
C GLU C 233 -2.10 -3.02 -10.73
N THR C 234 -1.47 -2.15 -9.96
CA THR C 234 -1.42 -0.73 -10.27
C THR C 234 0.04 -0.36 -10.57
N LEU C 235 0.30 0.08 -11.79
CA LEU C 235 1.64 0.47 -12.18
C LEU C 235 1.78 1.99 -12.09
N HIS C 236 2.52 2.47 -11.09
CA HIS C 236 2.71 3.91 -10.92
C HIS C 236 3.80 4.46 -11.82
N VAL C 237 3.47 5.51 -12.56
CA VAL C 237 4.41 6.17 -13.48
C VAL C 237 4.36 7.64 -13.10
N ASN C 238 5.08 7.99 -12.03
CA ASN C 238 5.05 9.36 -11.53
C ASN C 238 6.38 10.05 -11.22
N GLY C 239 7.48 9.51 -11.73
CA GLY C 239 8.76 10.14 -11.47
C GLY C 239 9.19 10.19 -10.02
N GLY C 240 8.58 9.35 -9.19
CA GLY C 240 8.91 9.32 -7.78
C GLY C 240 8.07 10.24 -6.93
N MET C 241 7.10 10.90 -7.55
CA MET C 241 6.23 11.83 -6.82
C MET C 241 5.60 11.15 -5.61
N TYR C 242 5.30 9.86 -5.74
CA TYR C 242 4.75 9.08 -4.65
C TYR C 242 5.29 7.67 -4.83
N MET C 243 5.52 6.97 -3.72
CA MET C 243 6.05 5.61 -3.81
C MET C 243 5.37 4.65 -2.86
N VAL C 244 4.84 3.57 -3.41
CA VAL C 244 4.18 2.56 -2.60
C VAL C 244 4.65 1.16 -3.01
N ASN D 2 -12.42 9.58 27.41
CA ASN D 2 -13.74 10.18 27.78
C ASN D 2 -14.22 11.19 26.75
N PHE D 3 -15.42 10.97 26.21
CA PHE D 3 -15.98 11.86 25.21
C PHE D 3 -17.02 12.82 25.78
N GLU D 4 -16.97 13.07 27.09
CA GLU D 4 -17.95 13.97 27.70
C GLU D 4 -17.93 15.33 27.05
N GLY D 5 -19.09 15.80 26.61
CA GLY D 5 -19.19 17.09 25.98
C GLY D 5 -19.19 17.02 24.46
N LYS D 6 -18.91 15.84 23.91
CA LYS D 6 -18.86 15.64 22.47
C LYS D 6 -20.19 15.11 21.93
N ILE D 7 -20.53 15.51 20.71
CA ILE D 7 -21.74 15.05 20.05
C ILE D 7 -21.32 14.17 18.88
N ALA D 8 -21.82 12.94 18.85
CA ALA D 8 -21.46 12.01 17.80
C ALA D 8 -22.66 11.55 16.97
N LEU D 9 -22.47 11.49 15.66
CA LEU D 9 -23.51 11.04 14.75
C LEU D 9 -23.02 9.75 14.13
N VAL D 10 -23.77 8.67 14.33
CA VAL D 10 -23.42 7.37 13.79
C VAL D 10 -24.53 6.89 12.86
N THR D 11 -24.24 6.82 11.57
CA THR D 11 -25.24 6.39 10.60
C THR D 11 -25.35 4.88 10.55
N GLY D 12 -26.59 4.38 10.42
CA GLY D 12 -26.81 2.95 10.36
C GLY D 12 -26.46 2.27 11.67
N ALA D 13 -27.01 2.78 12.77
CA ALA D 13 -26.72 2.25 14.09
C ALA D 13 -27.76 1.28 14.65
N SER D 14 -28.57 0.69 13.77
CA SER D 14 -29.60 -0.24 14.20
C SER D 14 -29.05 -1.49 14.89
N ARG D 15 -27.98 -2.06 14.33
CA ARG D 15 -27.39 -3.25 14.91
C ARG D 15 -25.95 -3.46 14.48
N GLY D 16 -25.38 -4.59 14.89
CA GLY D 16 -24.01 -4.92 14.54
C GLY D 16 -23.00 -3.82 14.84
N ILE D 17 -22.05 -3.64 13.93
CA ILE D 17 -21.01 -2.63 14.06
C ILE D 17 -21.56 -1.26 14.42
N GLY D 18 -22.58 -0.81 13.69
CA GLY D 18 -23.17 0.49 13.96
C GLY D 18 -23.65 0.67 15.39
N ARG D 19 -24.37 -0.32 15.91
CA ARG D 19 -24.88 -0.23 17.28
C ARG D 19 -23.76 -0.29 18.30
N ALA D 20 -22.78 -1.17 18.07
CA ALA D 20 -21.65 -1.28 19.00
C ALA D 20 -20.95 0.06 19.10
N ILE D 21 -20.76 0.71 17.95
CA ILE D 21 -20.11 2.02 17.93
C ILE D 21 -20.91 3.02 18.74
N ALA D 22 -22.22 3.10 18.47
CA ALA D 22 -23.09 4.04 19.19
C ALA D 22 -23.06 3.80 20.70
N GLU D 23 -23.21 2.55 21.12
CA GLU D 23 -23.20 2.23 22.55
C GLU D 23 -21.86 2.52 23.20
N THR D 24 -20.77 2.25 22.47
CA THR D 24 -19.44 2.48 23.00
C THR D 24 -19.15 3.95 23.22
N LEU D 25 -19.49 4.80 22.25
CA LEU D 25 -19.25 6.23 22.40
C LEU D 25 -20.13 6.79 23.54
N ALA D 26 -21.36 6.29 23.64
CA ALA D 26 -22.27 6.74 24.69
C ALA D 26 -21.72 6.33 26.06
N ALA D 27 -21.29 5.08 26.17
CA ALA D 27 -20.75 4.57 27.41
C ALA D 27 -19.55 5.37 27.87
N ARG D 28 -18.88 6.04 26.92
CA ARG D 28 -17.71 6.84 27.27
C ARG D 28 -17.98 8.33 27.39
N GLY D 29 -19.24 8.70 27.57
CA GLY D 29 -19.59 10.10 27.78
C GLY D 29 -20.12 10.97 26.65
N ALA D 30 -20.16 10.48 25.42
CA ALA D 30 -20.65 11.31 24.33
C ALA D 30 -22.17 11.23 24.14
N LYS D 31 -22.76 12.32 23.66
CA LYS D 31 -24.18 12.36 23.37
C LYS D 31 -24.22 11.78 21.97
N VAL D 32 -24.90 10.65 21.80
CA VAL D 32 -24.96 9.98 20.51
C VAL D 32 -26.29 10.01 19.76
N ILE D 33 -26.21 10.28 18.46
CA ILE D 33 -27.38 10.26 17.60
C ILE D 33 -27.10 9.15 16.59
N GLY D 34 -27.86 8.06 16.69
CA GLY D 34 -27.69 6.96 15.75
C GLY D 34 -28.82 7.03 14.75
N THR D 35 -28.62 6.51 13.54
CA THR D 35 -29.68 6.58 12.55
C THR D 35 -30.07 5.25 11.91
N ALA D 36 -31.29 5.22 11.38
CA ALA D 36 -31.84 4.04 10.71
C ALA D 36 -32.66 4.59 9.54
N THR D 37 -33.06 3.71 8.62
CA THR D 37 -33.83 4.13 7.45
C THR D 37 -35.32 4.27 7.69
N SER D 38 -35.80 3.88 8.87
CA SER D 38 -37.23 3.99 9.16
C SER D 38 -37.47 4.56 10.56
N GLU D 39 -38.68 5.05 10.79
CA GLU D 39 -39.04 5.62 12.09
C GLU D 39 -38.94 4.58 13.20
N ASN D 40 -39.35 3.35 12.90
CA ASN D 40 -39.29 2.27 13.88
C ASN D 40 -37.84 1.94 14.25
N GLY D 41 -36.99 1.85 13.25
CA GLY D 41 -35.59 1.56 13.50
C GLY D 41 -34.99 2.69 14.32
N ALA D 42 -35.44 3.90 14.05
CA ALA D 42 -34.94 5.07 14.76
C ALA D 42 -35.35 5.05 16.21
N GLN D 43 -36.57 4.57 16.48
CA GLN D 43 -37.08 4.50 17.84
C GLN D 43 -36.33 3.43 18.62
N ALA D 44 -36.05 2.30 17.97
CA ALA D 44 -35.33 1.21 18.59
C ALA D 44 -33.97 1.72 19.04
N ILE D 45 -33.37 2.60 18.25
CA ILE D 45 -32.06 3.15 18.60
C ILE D 45 -32.22 4.09 19.79
N SER D 46 -33.31 4.84 19.81
CA SER D 46 -33.56 5.76 20.92
C SER D 46 -33.80 4.93 22.18
N ASP D 47 -34.38 3.75 22.01
CA ASP D 47 -34.65 2.88 23.14
C ASP D 47 -33.37 2.41 23.83
N TYR D 48 -32.36 1.99 23.07
CA TYR D 48 -31.14 1.52 23.70
C TYR D 48 -30.17 2.65 24.09
N LEU D 49 -30.30 3.81 23.48
CA LEU D 49 -29.41 4.92 23.84
C LEU D 49 -29.91 5.63 25.09
N GLY D 50 -31.23 5.61 25.28
CA GLY D 50 -31.81 6.25 26.46
C GLY D 50 -31.44 7.72 26.62
N ALA D 51 -31.01 8.07 27.83
CA ALA D 51 -30.64 9.44 28.14
C ALA D 51 -29.31 9.89 27.55
N ASN D 52 -28.60 8.97 26.90
CA ASN D 52 -27.31 9.32 26.31
C ASN D 52 -27.37 9.64 24.82
N GLY D 53 -28.57 9.64 24.25
CA GLY D 53 -28.69 9.93 22.84
C GLY D 53 -30.09 9.83 22.28
N LYS D 54 -30.16 9.69 20.95
CA LYS D 54 -31.44 9.62 20.28
C LYS D 54 -31.29 8.96 18.91
N GLY D 55 -32.37 8.34 18.45
CA GLY D 55 -32.34 7.70 17.14
C GLY D 55 -33.12 8.57 16.18
N LEU D 56 -32.62 8.72 14.96
CA LEU D 56 -33.30 9.52 13.95
C LEU D 56 -33.34 8.78 12.63
N MET D 57 -34.39 9.02 11.85
CA MET D 57 -34.53 8.37 10.56
C MET D 57 -33.70 9.17 9.56
N LEU D 58 -32.83 8.47 8.85
CA LEU D 58 -31.97 9.14 7.88
C LEU D 58 -31.71 8.31 6.65
N ASN D 59 -31.71 9.01 5.53
CA ASN D 59 -31.42 8.43 4.24
C ASN D 59 -30.21 9.23 3.77
N VAL D 60 -29.06 8.58 3.71
CA VAL D 60 -27.82 9.23 3.30
C VAL D 60 -27.78 9.52 1.80
N THR D 61 -28.93 9.40 1.14
CA THR D 61 -29.01 9.66 -0.30
C THR D 61 -29.97 10.82 -0.59
N ASP D 62 -30.62 11.33 0.45
CA ASP D 62 -31.56 12.43 0.31
C ASP D 62 -31.03 13.69 1.01
N PRO D 63 -30.57 14.67 0.24
CA PRO D 63 -30.04 15.93 0.78
C PRO D 63 -30.96 16.61 1.77
N ALA D 64 -32.26 16.55 1.52
CA ALA D 64 -33.24 17.17 2.40
C ALA D 64 -33.28 16.47 3.76
N SER D 65 -33.15 15.15 3.75
CA SER D 65 -33.15 14.37 4.98
C SER D 65 -31.93 14.76 5.81
N ILE D 66 -30.79 14.92 5.13
CA ILE D 66 -29.55 15.31 5.80
C ILE D 66 -29.71 16.66 6.50
N GLU D 67 -30.11 17.68 5.74
CA GLU D 67 -30.30 19.01 6.32
C GLU D 67 -31.23 18.89 7.52
N SER D 68 -32.33 18.17 7.32
CA SER D 68 -33.33 17.98 8.37
C SER D 68 -32.78 17.35 9.64
N VAL D 69 -32.09 16.21 9.50
CA VAL D 69 -31.53 15.50 10.64
C VAL D 69 -30.51 16.36 11.40
N LEU D 70 -29.59 16.99 10.67
CA LEU D 70 -28.59 17.84 11.32
C LEU D 70 -29.28 19.03 11.97
N GLU D 71 -30.43 19.41 11.41
CA GLU D 71 -31.20 20.53 11.93
C GLU D 71 -31.72 20.16 13.31
N LYS D 72 -32.33 18.99 13.43
CA LYS D 72 -32.87 18.53 14.70
C LYS D 72 -31.74 18.36 15.71
N ILE D 73 -30.61 17.83 15.26
CA ILE D 73 -29.45 17.62 16.13
C ILE D 73 -28.93 18.94 16.70
N ARG D 74 -28.85 19.96 15.86
CA ARG D 74 -28.37 21.26 16.30
C ARG D 74 -29.32 21.86 17.32
N ALA D 75 -30.62 21.69 17.07
CA ALA D 75 -31.65 22.21 17.95
C ALA D 75 -31.61 21.55 19.33
N GLU D 76 -31.57 20.22 19.36
CA GLU D 76 -31.57 19.50 20.62
C GLU D 76 -30.20 19.34 21.29
N PHE D 77 -29.18 18.95 20.54
CA PHE D 77 -27.86 18.75 21.13
C PHE D 77 -26.80 19.78 20.78
N GLY D 78 -26.61 20.05 19.49
CA GLY D 78 -25.61 21.00 19.06
C GLY D 78 -24.94 20.54 17.77
N GLU D 79 -23.74 21.03 17.51
CA GLU D 79 -23.01 20.67 16.29
C GLU D 79 -22.31 19.32 16.45
N VAL D 80 -22.25 18.54 15.37
CA VAL D 80 -21.60 17.23 15.41
C VAL D 80 -20.08 17.36 15.50
N ASP D 81 -19.50 16.71 16.51
CA ASP D 81 -18.05 16.72 16.71
C ASP D 81 -17.42 15.47 16.10
N ILE D 82 -18.16 14.38 16.17
CA ILE D 82 -17.69 13.10 15.66
C ILE D 82 -18.69 12.49 14.68
N LEU D 83 -18.24 12.26 13.45
CA LEU D 83 -19.09 11.65 12.43
C LEU D 83 -18.58 10.27 12.10
N VAL D 84 -19.44 9.27 12.24
CA VAL D 84 -19.05 7.91 11.90
C VAL D 84 -19.94 7.44 10.75
N ASN D 85 -19.35 7.31 9.57
CA ASN D 85 -20.10 6.87 8.40
C ASN D 85 -20.12 5.35 8.36
N ASN D 86 -21.18 4.77 8.92
CA ASN D 86 -21.30 3.31 8.95
C ASN D 86 -22.38 2.79 8.00
N ALA D 87 -23.34 3.62 7.64
CA ALA D 87 -24.40 3.19 6.72
C ALA D 87 -23.77 2.57 5.46
N GLY D 88 -24.32 1.47 5.00
CA GLY D 88 -23.77 0.82 3.81
C GLY D 88 -24.50 -0.47 3.48
N ILE D 89 -24.46 -0.87 2.22
CA ILE D 89 -25.11 -2.09 1.78
C ILE D 89 -24.27 -2.89 0.79
N THR D 90 -24.76 -4.07 0.43
CA THR D 90 -24.09 -4.92 -0.53
C THR D 90 -25.09 -5.39 -1.59
N ARG D 91 -24.60 -5.54 -2.81
CA ARG D 91 -25.40 -5.99 -3.95
C ARG D 91 -24.47 -6.85 -4.79
N ASP D 92 -24.13 -8.01 -4.23
CA ASP D 92 -23.21 -8.92 -4.89
C ASP D 92 -23.68 -9.50 -6.22
N ASN D 93 -22.70 -9.81 -7.07
CA ASN D 93 -22.91 -10.38 -8.38
C ASN D 93 -21.65 -10.26 -9.22
N LEU D 94 -21.37 -11.27 -10.03
CA LEU D 94 -20.20 -11.22 -10.89
C LEU D 94 -20.50 -10.09 -11.86
N LEU D 95 -19.48 -9.39 -12.34
CA LEU D 95 -19.68 -8.28 -13.25
C LEU D 95 -20.60 -8.61 -14.42
N MET D 96 -20.34 -9.74 -15.06
CA MET D 96 -21.11 -10.19 -16.21
C MET D 96 -22.62 -10.21 -15.97
N ARG D 97 -23.03 -10.15 -14.70
CA ARG D 97 -24.44 -10.18 -14.38
C ARG D 97 -24.87 -9.12 -13.36
N MET D 98 -24.04 -8.09 -13.20
CA MET D 98 -24.37 -7.03 -12.26
C MET D 98 -25.27 -6.00 -12.95
N LYS D 99 -26.38 -5.66 -12.30
CA LYS D 99 -27.33 -4.70 -12.85
C LYS D 99 -26.86 -3.27 -12.58
N ASP D 100 -27.26 -2.35 -13.46
CA ASP D 100 -26.91 -0.95 -13.31
C ASP D 100 -27.34 -0.46 -11.94
N GLU D 101 -28.57 -0.82 -11.56
CA GLU D 101 -29.12 -0.42 -10.28
C GLU D 101 -28.25 -0.90 -9.12
N GLU D 102 -27.74 -2.12 -9.23
CA GLU D 102 -26.89 -2.70 -8.19
C GLU D 102 -25.59 -1.91 -8.08
N TRP D 103 -25.03 -1.49 -9.22
CA TRP D 103 -23.81 -0.71 -9.20
C TRP D 103 -24.13 0.67 -8.66
N ASN D 104 -25.14 1.32 -9.24
CA ASN D 104 -25.52 2.67 -8.82
C ASN D 104 -25.94 2.75 -7.35
N ASP D 105 -26.63 1.73 -6.86
CA ASP D 105 -27.07 1.73 -5.46
C ASP D 105 -25.88 1.69 -4.50
N ILE D 106 -24.94 0.78 -4.76
CA ILE D 106 -23.76 0.64 -3.92
C ILE D 106 -22.94 1.93 -3.92
N ILE D 107 -22.71 2.50 -5.10
CA ILE D 107 -21.93 3.73 -5.21
C ILE D 107 -22.57 4.88 -4.46
N GLU D 108 -23.87 5.04 -4.64
CA GLU D 108 -24.61 6.11 -3.97
C GLU D 108 -24.67 5.94 -2.45
N THR D 109 -25.03 4.75 -1.99
CA THR D 109 -25.16 4.47 -0.56
C THR D 109 -23.84 4.30 0.20
N ASN D 110 -22.85 3.69 -0.44
CA ASN D 110 -21.56 3.43 0.21
C ASN D 110 -20.44 4.44 -0.05
N LEU D 111 -20.56 5.24 -1.10
CA LEU D 111 -19.52 6.21 -1.41
C LEU D 111 -20.01 7.66 -1.39
N SER D 112 -20.98 7.99 -2.24
CA SER D 112 -21.48 9.36 -2.29
C SER D 112 -22.02 9.82 -0.94
N SER D 113 -22.47 8.88 -0.13
CA SER D 113 -22.99 9.20 1.20
C SER D 113 -21.90 9.79 2.08
N VAL D 114 -20.67 9.27 1.93
CA VAL D 114 -19.55 9.76 2.72
C VAL D 114 -19.28 11.23 2.37
N PHE D 115 -19.38 11.55 1.08
CA PHE D 115 -19.18 12.91 0.60
C PHE D 115 -20.24 13.83 1.19
N ARG D 116 -21.51 13.44 1.04
CA ARG D 116 -22.62 14.24 1.52
C ARG D 116 -22.62 14.52 3.01
N LEU D 117 -22.39 13.50 3.83
CA LEU D 117 -22.38 13.71 5.27
C LEU D 117 -21.14 14.44 5.75
N SER D 118 -19.98 14.13 5.18
CA SER D 118 -18.75 14.80 5.60
C SER D 118 -18.88 16.28 5.29
N LYS D 119 -19.34 16.60 4.08
CA LYS D 119 -19.51 17.99 3.67
C LYS D 119 -20.47 18.72 4.61
N ALA D 120 -21.53 18.04 5.02
CA ALA D 120 -22.54 18.63 5.90
C ALA D 120 -22.06 19.01 7.31
N VAL D 121 -21.13 18.25 7.88
CA VAL D 121 -20.65 18.53 9.25
C VAL D 121 -19.31 19.29 9.23
N MET D 122 -18.75 19.47 8.05
CA MET D 122 -17.48 20.13 7.88
C MET D 122 -17.32 21.54 8.52
N ARG D 123 -18.10 22.52 8.09
CA ARG D 123 -18.02 23.89 8.62
C ARG D 123 -17.92 24.02 10.12
N ALA D 124 -18.85 23.40 10.84
CA ALA D 124 -18.86 23.49 12.30
C ALA D 124 -17.53 23.02 12.89
N MET D 125 -16.99 21.94 12.35
CA MET D 125 -15.72 21.41 12.86
C MET D 125 -14.56 22.38 12.64
N MET D 126 -14.43 22.90 11.43
CA MET D 126 -13.36 23.83 11.13
C MET D 126 -13.46 25.06 12.01
N LYS D 127 -14.68 25.55 12.21
CA LYS D 127 -14.91 26.73 13.03
C LYS D 127 -14.37 26.46 14.45
N LYS D 128 -14.66 25.29 14.98
CA LYS D 128 -14.21 24.94 16.32
C LYS D 128 -12.78 24.40 16.37
N ARG D 129 -12.16 24.25 15.21
CA ARG D 129 -10.79 23.75 15.12
C ARG D 129 -10.63 22.38 15.76
N HIS D 130 -11.62 21.51 15.60
CA HIS D 130 -11.57 20.17 16.14
C HIS D 130 -12.71 19.35 15.57
N GLY D 131 -12.41 18.10 15.24
CA GLY D 131 -13.42 17.22 14.69
C GLY D 131 -12.86 15.85 14.34
N ARG D 132 -13.78 14.91 14.13
CA ARG D 132 -13.40 13.55 13.78
C ARG D 132 -14.38 13.01 12.77
N ILE D 133 -13.85 12.48 11.68
CA ILE D 133 -14.66 11.86 10.66
C ILE D 133 -14.05 10.48 10.48
N ILE D 134 -14.85 9.47 10.73
CA ILE D 134 -14.41 8.08 10.62
C ILE D 134 -15.40 7.32 9.76
N THR D 135 -14.89 6.67 8.73
CA THR D 135 -15.75 5.91 7.85
C THR D 135 -15.40 4.44 7.96
N ILE D 136 -16.43 3.59 8.00
CA ILE D 136 -16.22 2.16 8.09
C ILE D 136 -16.05 1.64 6.67
N GLY D 137 -14.84 1.22 6.33
CA GLY D 137 -14.59 0.70 5.01
C GLY D 137 -14.73 -0.80 5.01
N SER D 138 -13.79 -1.49 4.37
CA SER D 138 -13.83 -2.94 4.33
C SER D 138 -12.55 -3.46 3.71
N VAL D 139 -12.13 -4.65 4.14
CA VAL D 139 -10.93 -5.28 3.60
C VAL D 139 -11.09 -5.45 2.10
N VAL D 140 -12.34 -5.64 1.67
CA VAL D 140 -12.63 -5.83 0.25
C VAL D 140 -12.20 -4.61 -0.56
N GLY D 141 -12.16 -3.44 0.08
CA GLY D 141 -11.75 -2.24 -0.62
C GLY D 141 -10.26 -2.23 -0.94
N THR D 142 -9.48 -2.97 -0.17
CA THR D 142 -8.04 -3.02 -0.39
C THR D 142 -7.61 -4.25 -1.19
N MET D 143 -8.26 -5.39 -0.94
CA MET D 143 -7.89 -6.60 -1.68
C MET D 143 -8.83 -6.89 -2.84
N GLY D 144 -10.01 -6.29 -2.83
CA GLY D 144 -10.96 -6.54 -3.89
C GLY D 144 -11.51 -7.94 -3.70
N ASN D 145 -12.65 -8.25 -4.31
CA ASN D 145 -13.22 -9.59 -4.17
C ASN D 145 -14.14 -9.94 -5.32
N GLY D 146 -13.94 -11.13 -5.87
CA GLY D 146 -14.77 -11.59 -6.97
C GLY D 146 -16.21 -11.55 -6.53
N GLY D 147 -17.08 -11.03 -7.39
CA GLY D 147 -18.50 -10.93 -7.06
C GLY D 147 -18.86 -9.67 -6.29
N GLN D 148 -17.88 -8.82 -6.01
CA GLN D 148 -18.14 -7.58 -5.28
C GLN D 148 -17.43 -6.38 -5.89
N ALA D 149 -17.37 -6.31 -7.21
CA ALA D 149 -16.70 -5.20 -7.87
C ALA D 149 -17.29 -3.85 -7.47
N ASN D 150 -18.60 -3.82 -7.23
CA ASN D 150 -19.28 -2.59 -6.85
C ASN D 150 -19.00 -2.20 -5.40
N TYR D 151 -19.05 -3.19 -4.51
CA TYR D 151 -18.78 -2.96 -3.10
C TYR D 151 -17.33 -2.53 -2.93
N ALA D 152 -16.43 -3.16 -3.68
CA ALA D 152 -15.01 -2.85 -3.62
C ALA D 152 -14.68 -1.44 -4.13
N ALA D 153 -15.36 -1.00 -5.19
CA ALA D 153 -15.13 0.32 -5.75
C ALA D 153 -15.52 1.39 -4.73
N ALA D 154 -16.66 1.21 -4.08
CA ALA D 154 -17.12 2.17 -3.07
C ALA D 154 -16.20 2.20 -1.87
N LYS D 155 -15.81 1.03 -1.38
CA LYS D 155 -14.94 0.92 -0.22
C LYS D 155 -13.53 1.45 -0.47
N ALA D 156 -13.03 1.26 -1.68
CA ALA D 156 -11.71 1.76 -2.03
C ALA D 156 -11.83 3.26 -2.30
N GLY D 157 -12.95 3.65 -2.91
CA GLY D 157 -13.19 5.04 -3.21
C GLY D 157 -13.26 5.94 -1.98
N LEU D 158 -13.82 5.44 -0.89
CA LEU D 158 -13.93 6.26 0.31
C LEU D 158 -12.57 6.55 0.97
N ILE D 159 -11.58 5.72 0.68
CA ILE D 159 -10.24 5.95 1.22
C ILE D 159 -9.64 7.10 0.41
N GLY D 160 -9.81 7.05 -0.91
CA GLY D 160 -9.30 8.11 -1.77
C GLY D 160 -9.95 9.43 -1.34
N PHE D 161 -11.24 9.37 -1.03
CA PHE D 161 -11.97 10.54 -0.59
C PHE D 161 -11.44 11.03 0.76
N SER D 162 -11.28 10.10 1.69
CA SER D 162 -10.82 10.44 3.04
C SER D 162 -9.44 11.07 3.07
N LYS D 163 -8.54 10.56 2.22
CA LYS D 163 -7.18 11.09 2.15
C LYS D 163 -7.21 12.54 1.66
N SER D 164 -8.04 12.82 0.66
CA SER D 164 -8.14 14.17 0.12
C SER D 164 -8.73 15.15 1.14
N LEU D 165 -9.80 14.74 1.79
CA LEU D 165 -10.42 15.61 2.79
C LEU D 165 -9.48 15.83 3.97
N ALA D 166 -8.77 14.77 4.35
CA ALA D 166 -7.83 14.86 5.46
C ALA D 166 -6.80 15.94 5.17
N ARG D 167 -6.37 16.00 3.91
CA ARG D 167 -5.38 16.99 3.51
C ARG D 167 -5.93 18.41 3.58
N GLU D 168 -7.20 18.58 3.25
CA GLU D 168 -7.84 19.89 3.29
C GLU D 168 -8.10 20.41 4.71
N VAL D 169 -8.33 19.52 5.66
CA VAL D 169 -8.66 19.93 7.02
C VAL D 169 -7.67 19.58 8.14
N ALA D 170 -6.55 18.96 7.82
CA ALA D 170 -5.59 18.57 8.84
C ALA D 170 -5.09 19.75 9.70
N SER D 171 -4.79 20.89 9.07
CA SER D 171 -4.29 22.05 9.79
C SER D 171 -5.31 22.65 10.75
N ARG D 172 -6.55 22.20 10.68
CA ARG D 172 -7.59 22.72 11.55
C ARG D 172 -8.03 21.80 12.68
N GLY D 173 -7.15 20.87 13.06
CA GLY D 173 -7.46 19.97 14.16
C GLY D 173 -8.55 18.95 13.90
N ILE D 174 -8.74 18.61 12.63
CA ILE D 174 -9.74 17.63 12.25
C ILE D 174 -9.06 16.44 11.58
N THR D 175 -9.41 15.22 11.99
CA THR D 175 -8.82 14.04 11.39
C THR D 175 -9.88 13.27 10.61
N VAL D 176 -9.47 12.66 9.51
CA VAL D 176 -10.36 11.90 8.66
C VAL D 176 -9.69 10.55 8.42
N ASN D 177 -10.31 9.49 8.95
CA ASN D 177 -9.75 8.16 8.84
C ASN D 177 -10.77 7.09 8.46
N VAL D 178 -10.26 5.90 8.20
CA VAL D 178 -11.06 4.76 7.81
C VAL D 178 -10.69 3.53 8.63
N VAL D 179 -11.69 2.81 9.09
CA VAL D 179 -11.47 1.57 9.84
C VAL D 179 -12.01 0.51 8.87
N ALA D 180 -11.15 -0.41 8.45
CA ALA D 180 -11.54 -1.43 7.49
C ALA D 180 -11.66 -2.83 8.11
N PRO D 181 -12.89 -3.24 8.44
CA PRO D 181 -13.13 -4.57 9.03
C PRO D 181 -12.92 -5.70 8.04
N GLY D 182 -12.55 -6.86 8.56
CA GLY D 182 -12.41 -8.05 7.74
C GLY D 182 -13.77 -8.72 7.92
N PHE D 183 -13.80 -10.03 8.12
CA PHE D 183 -15.08 -10.73 8.32
C PHE D 183 -15.57 -10.51 9.75
N ILE D 184 -16.72 -9.86 9.89
CA ILE D 184 -17.28 -9.60 11.20
C ILE D 184 -18.53 -10.48 11.41
N GLU D 185 -18.61 -11.15 12.56
CA GLU D 185 -19.75 -12.02 12.84
C GLU D 185 -21.05 -11.22 12.85
N THR D 186 -22.00 -11.63 12.02
CA THR D 186 -23.31 -10.98 11.95
C THR D 186 -24.37 -12.07 11.87
N ASP D 187 -25.64 -11.68 11.87
CA ASP D 187 -26.70 -12.67 11.78
C ASP D 187 -26.60 -13.43 10.45
N MET D 188 -26.09 -12.76 9.42
CA MET D 188 -25.94 -13.40 8.12
C MET D 188 -24.88 -14.50 8.19
N THR D 189 -23.74 -14.22 8.80
CA THR D 189 -22.69 -15.23 8.90
C THR D 189 -23.12 -16.37 9.82
N ARG D 190 -23.88 -16.04 10.86
CA ARG D 190 -24.36 -17.06 11.79
C ARG D 190 -25.26 -18.11 11.15
N ALA D 191 -25.95 -17.74 10.08
CA ALA D 191 -26.86 -18.65 9.39
C ALA D 191 -26.16 -19.50 8.34
N LEU D 192 -24.89 -19.24 8.09
CA LEU D 192 -24.15 -20.02 7.11
C LEU D 192 -23.92 -21.42 7.62
N SER D 193 -23.75 -22.37 6.71
CA SER D 193 -23.50 -23.76 7.09
C SER D 193 -22.07 -23.87 7.61
N ASP D 194 -21.74 -24.98 8.25
CA ASP D 194 -20.39 -25.16 8.78
C ASP D 194 -19.40 -25.15 7.61
N ASP D 195 -19.81 -25.72 6.48
CA ASP D 195 -18.96 -25.76 5.30
C ASP D 195 -18.62 -24.34 4.84
N GLN D 196 -19.61 -23.46 4.85
CA GLN D 196 -19.41 -22.08 4.44
C GLN D 196 -18.50 -21.34 5.41
N ARG D 197 -18.80 -21.46 6.70
CA ARG D 197 -17.99 -20.81 7.74
C ARG D 197 -16.55 -21.29 7.63
N ALA D 198 -16.36 -22.57 7.33
CA ALA D 198 -15.02 -23.11 7.17
C ALA D 198 -14.32 -22.36 6.04
N GLY D 199 -15.08 -22.06 4.98
CA GLY D 199 -14.52 -21.34 3.85
C GLY D 199 -13.99 -19.99 4.27
N ILE D 200 -14.75 -19.30 5.12
CA ILE D 200 -14.36 -17.99 5.61
C ILE D 200 -13.16 -18.10 6.56
N LEU D 201 -13.28 -18.93 7.58
CA LEU D 201 -12.20 -19.11 8.57
C LEU D 201 -10.84 -19.42 7.95
N ALA D 202 -10.84 -20.21 6.88
CA ALA D 202 -9.59 -20.57 6.22
C ALA D 202 -8.85 -19.34 5.69
N GLN D 203 -9.57 -18.23 5.53
CA GLN D 203 -8.97 -17.00 5.02
C GLN D 203 -8.43 -16.13 6.16
N VAL D 204 -8.79 -16.46 7.40
CA VAL D 204 -8.38 -15.66 8.56
C VAL D 204 -7.34 -16.32 9.46
N PRO D 205 -6.08 -15.86 9.40
CA PRO D 205 -5.05 -16.47 10.26
C PRO D 205 -5.48 -16.53 11.72
N ALA D 206 -6.16 -15.49 12.20
CA ALA D 206 -6.62 -15.45 13.57
C ALA D 206 -7.47 -16.68 13.90
N GLY D 207 -8.12 -17.24 12.89
CA GLY D 207 -8.93 -18.44 13.10
C GLY D 207 -10.32 -18.25 13.65
N ARG D 208 -10.83 -17.03 13.55
CA ARG D 208 -12.17 -16.71 14.04
C ARG D 208 -12.66 -15.48 13.29
N LEU D 209 -13.96 -15.21 13.38
CA LEU D 209 -14.52 -14.02 12.76
C LEU D 209 -14.34 -12.94 13.79
N GLY D 210 -14.37 -11.68 13.36
CA GLY D 210 -14.22 -10.58 14.29
C GLY D 210 -15.55 -10.22 14.90
N GLY D 211 -15.51 -9.50 16.01
CA GLY D 211 -16.72 -9.09 16.67
C GLY D 211 -17.02 -7.63 16.41
N ALA D 212 -18.30 -7.29 16.39
CA ALA D 212 -18.73 -5.91 16.17
C ALA D 212 -18.07 -4.94 17.14
N GLN D 213 -17.96 -5.36 18.40
CA GLN D 213 -17.38 -4.52 19.45
C GLN D 213 -15.91 -4.21 19.17
N GLU D 214 -15.23 -5.12 18.48
CA GLU D 214 -13.82 -4.92 18.17
C GLU D 214 -13.65 -3.76 17.19
N ILE D 215 -14.60 -3.64 16.26
CA ILE D 215 -14.55 -2.54 15.30
C ILE D 215 -14.87 -1.25 16.05
N ALA D 216 -15.85 -1.34 16.95
CA ALA D 216 -16.26 -0.19 17.75
C ALA D 216 -15.11 0.34 18.60
N ASN D 217 -14.29 -0.56 19.14
CA ASN D 217 -13.15 -0.13 19.95
C ASN D 217 -12.15 0.65 19.12
N ALA D 218 -11.92 0.21 17.88
CA ALA D 218 -10.98 0.90 16.99
C ALA D 218 -11.53 2.28 16.62
N VAL D 219 -12.83 2.34 16.36
CA VAL D 219 -13.47 3.60 16.02
C VAL D 219 -13.36 4.57 17.19
N ALA D 220 -13.65 4.08 18.39
CA ALA D 220 -13.58 4.91 19.58
C ALA D 220 -12.17 5.45 19.82
N PHE D 221 -11.16 4.63 19.52
CA PHE D 221 -9.79 5.07 19.70
C PHE D 221 -9.50 6.25 18.76
N LEU D 222 -9.79 6.07 17.47
CA LEU D 222 -9.55 7.13 16.49
C LEU D 222 -10.37 8.39 16.78
N ALA D 223 -11.55 8.21 17.35
CA ALA D 223 -12.41 9.34 17.67
C ALA D 223 -11.94 10.12 18.90
N SER D 224 -11.12 9.50 19.73
CA SER D 224 -10.62 10.13 20.95
C SER D 224 -9.49 11.14 20.71
N ASP D 225 -9.13 11.86 21.76
CA ASP D 225 -8.05 12.84 21.69
C ASP D 225 -6.69 12.15 21.63
N GLU D 226 -6.69 10.84 21.83
CA GLU D 226 -5.44 10.10 21.80
C GLU D 226 -4.96 9.82 20.37
N ALA D 227 -5.80 10.12 19.40
CA ALA D 227 -5.46 9.88 17.99
C ALA D 227 -5.47 11.15 17.13
N ALA D 228 -5.07 12.26 17.72
CA ALA D 228 -5.06 13.55 17.00
C ALA D 228 -3.99 13.65 15.91
N TYR D 229 -2.98 12.79 15.96
CA TYR D 229 -1.92 12.83 14.96
C TYR D 229 -2.11 11.75 13.90
N ILE D 230 -3.27 11.12 13.91
CA ILE D 230 -3.58 10.09 12.93
C ILE D 230 -4.63 10.65 11.97
N THR D 231 -4.29 10.74 10.68
CA THR D 231 -5.25 11.26 9.70
C THR D 231 -4.91 10.77 8.29
N GLY D 232 -5.95 10.55 7.48
CA GLY D 232 -5.75 10.05 6.13
C GLY D 232 -5.27 8.62 6.19
N GLU D 233 -5.48 7.98 7.34
CA GLU D 233 -5.02 6.60 7.57
C GLU D 233 -6.15 5.57 7.56
N THR D 234 -5.79 4.36 7.17
CA THR D 234 -6.73 3.24 7.14
C THR D 234 -6.25 2.22 8.18
N LEU D 235 -7.08 1.96 9.18
CA LEU D 235 -6.73 1.00 10.21
C LEU D 235 -7.43 -0.33 9.90
N HIS D 236 -6.65 -1.33 9.49
CA HIS D 236 -7.23 -2.63 9.16
C HIS D 236 -7.43 -3.50 10.40
N VAL D 237 -8.66 -4.02 10.54
CA VAL D 237 -9.02 -4.87 11.67
C VAL D 237 -9.61 -6.13 11.04
N ASN D 238 -8.75 -7.03 10.58
CA ASN D 238 -9.20 -8.23 9.89
C ASN D 238 -8.61 -9.57 10.32
N GLY D 239 -7.98 -9.62 11.49
CA GLY D 239 -7.42 -10.88 11.96
C GLY D 239 -6.33 -11.46 11.07
N GLY D 240 -5.71 -10.62 10.26
CA GLY D 240 -4.65 -11.08 9.38
C GLY D 240 -5.13 -11.54 8.02
N MET D 241 -6.44 -11.40 7.76
CA MET D 241 -7.02 -11.79 6.47
C MET D 241 -6.22 -11.18 5.33
N TYR D 242 -5.85 -9.90 5.48
CA TYR D 242 -5.04 -9.21 4.48
C TYR D 242 -4.05 -8.35 5.25
N MET D 243 -2.86 -8.18 4.70
CA MET D 243 -1.83 -7.40 5.39
C MET D 243 -1.12 -6.43 4.44
N VAL D 244 -1.22 -5.15 4.75
CA VAL D 244 -0.56 -4.13 3.95
C VAL D 244 0.21 -3.19 4.86
#